data_3WLX
#
_entry.id   3WLX
#
_cell.length_a   75.730
_cell.length_b   100.340
_cell.length_c   174.620
_cell.angle_alpha   90.00
_cell.angle_beta   90.00
_cell.angle_gamma   90.00
#
_symmetry.space_group_name_H-M   'C 2 2 21'
#
loop_
_entity.id
_entity.type
_entity.pdbx_description
1 polymer 'Low specificity L-threonine aldolase'
2 non-polymer N-GLYCINE-[3-HYDROXY-2-METHYL-5-PHOSPHONOOXYMETHYL-PYRIDIN-4-YL-METHANE]
3 water water
#
_entity_poly.entity_id   1
_entity_poly.type   'polypeptide(L)'
_entity_poly.pdbx_seq_one_letter_code
;MIDLRSDTVTRPSRAMLEAMMAAPVGDDVYGDDPTVNALQDYAAELSGKEAAIFLPTGTQANLVALLSHCERGEEYIVGQ
AAHNYLFEAGGAAVLGSIQPQPIDAAADGTLPLDKVAMKIKPDDIHFARTKLLSLENTHNGKVLPREYLKEAWEFTRERN
LALHVDGARIFNAVVAYGCELKEITQYCDSFTICLSKGLGTPVGSLLVGNRDYIKRAIRWRKMTGGGMRQSGILAAAGIY
ALKNNVARLQEDHDNAAWMAEQLREAGADVMRQDTNMLFVRVGEENAAALGEYMKARNVLINASPIVRLVTHLDVSREQL
AEVAAHWRAFLAR
;
_entity_poly.pdbx_strand_id   B,A
#
loop_
_chem_comp.id
_chem_comp.type
_chem_comp.name
_chem_comp.formula
PLG non-polymer N-GLYCINE-[3-HYDROXY-2-METHYL-5-PHOSPHONOOXYMETHYL-PYRIDIN-4-YL-METHANE] 'C10 H15 N2 O7 P'
#
# COMPACT_ATOMS: atom_id res chain seq x y z
N MET A 1 16.38 -18.95 -15.16
CA MET A 1 15.49 -19.26 -14.06
C MET A 1 14.05 -19.45 -14.53
N ILE A 2 13.49 -20.62 -14.29
CA ILE A 2 12.11 -20.90 -14.66
C ILE A 2 11.20 -20.80 -13.44
N ASP A 3 10.30 -19.83 -13.45
CA ASP A 3 9.46 -19.58 -12.28
C ASP A 3 8.00 -19.89 -12.57
N LEU A 4 7.52 -20.99 -12.01
CA LEU A 4 6.12 -21.38 -12.15
C LEU A 4 5.36 -21.28 -10.84
N ARG A 5 5.90 -20.50 -9.90
CA ARG A 5 5.27 -20.35 -8.59
C ARG A 5 3.95 -19.59 -8.69
N SER A 6 3.93 -18.57 -9.55
CA SER A 6 2.77 -17.71 -9.73
C SER A 6 2.98 -16.74 -10.87
N ASP A 7 1.90 -16.10 -11.31
CA ASP A 7 2.00 -15.05 -12.32
C ASP A 7 2.37 -13.72 -11.68
N THR A 8 2.45 -13.69 -10.36
CA THR A 8 2.88 -12.50 -9.62
C THR A 8 4.34 -12.17 -9.90
N VAL A 9 5.10 -13.17 -10.32
CA VAL A 9 6.55 -13.02 -10.49
C VAL A 9 6.94 -12.29 -11.76
N THR A 10 5.95 -11.92 -12.57
CA THR A 10 6.19 -11.20 -13.82
C THR A 10 7.02 -9.94 -13.62
N ARG A 11 7.91 -9.68 -14.57
CA ARG A 11 8.79 -8.51 -14.50
C ARG A 11 8.48 -7.54 -15.63
N PRO A 12 8.76 -6.24 -15.42
CA PRO A 12 8.46 -5.21 -16.42
C PRO A 12 9.25 -5.37 -17.72
N SER A 13 8.56 -5.28 -18.85
CA SER A 13 9.19 -5.27 -20.16
C SER A 13 9.91 -3.94 -20.35
N ARG A 14 10.74 -3.85 -21.39
CA ARG A 14 11.45 -2.60 -21.65
C ARG A 14 10.47 -1.48 -21.95
N ALA A 15 9.46 -1.80 -22.75
CA ALA A 15 8.45 -0.83 -23.15
C ALA A 15 7.60 -0.37 -21.98
N MET A 16 7.30 -1.30 -21.07
CA MET A 16 6.54 -0.95 -19.87
C MET A 16 7.35 -0.02 -18.98
N LEU A 17 8.65 -0.31 -18.84
CA LEU A 17 9.55 0.53 -18.06
C LEU A 17 9.68 1.93 -18.66
N GLU A 18 9.83 1.99 -19.98
CA GLU A 18 9.96 3.25 -20.68
C GLU A 18 8.70 4.09 -20.54
N ALA A 19 7.55 3.43 -20.42
CA ALA A 19 6.29 4.12 -20.21
C ALA A 19 6.21 4.68 -18.79
N MET A 20 6.73 3.93 -17.83
CA MET A 20 6.73 4.37 -16.44
C MET A 20 7.55 5.64 -16.24
N MET A 21 8.74 5.66 -16.85
CA MET A 21 9.68 6.77 -16.66
C MET A 21 9.28 8.02 -17.44
N ALA A 22 8.39 7.84 -18.41
CA ALA A 22 7.97 8.96 -19.25
C ALA A 22 6.66 9.57 -18.76
N ALA A 23 6.00 8.88 -17.83
CA ALA A 23 4.66 9.28 -17.41
C ALA A 23 4.67 10.50 -16.50
N PRO A 24 3.69 11.40 -16.70
CA PRO A 24 3.48 12.57 -15.83
C PRO A 24 2.93 12.15 -14.48
N VAL A 25 3.46 12.70 -13.39
CA VAL A 25 2.99 12.35 -12.06
C VAL A 25 2.59 13.58 -11.26
N GLY A 26 1.98 13.33 -10.10
CA GLY A 26 1.59 14.38 -9.19
C GLY A 26 1.31 13.76 -7.83
N ASP A 27 0.69 14.52 -6.94
CA ASP A 27 0.33 13.99 -5.64
C ASP A 27 -1.09 13.43 -5.70
N ASP A 28 -1.21 12.11 -5.59
CA ASP A 28 -2.49 11.44 -5.73
C ASP A 28 -3.45 11.76 -4.58
N VAL A 29 -2.89 12.07 -3.42
CA VAL A 29 -3.70 12.48 -2.28
C VAL A 29 -4.46 13.76 -2.62
N TYR A 30 -3.79 14.68 -3.29
CA TYR A 30 -4.44 15.90 -3.76
C TYR A 30 -5.18 15.65 -5.07
N GLY A 31 -5.04 14.44 -5.61
CA GLY A 31 -5.68 14.06 -6.85
C GLY A 31 -5.02 14.66 -8.07
N ASP A 32 -3.77 15.08 -7.94
CA ASP A 32 -3.07 15.82 -8.99
C ASP A 32 -2.24 14.96 -9.91
N ASP A 33 -2.30 13.64 -9.75
CA ASP A 33 -1.51 12.75 -10.59
C ASP A 33 -2.32 12.34 -11.82
N PRO A 34 -1.94 12.86 -12.99
CA PRO A 34 -2.67 12.68 -14.25
C PRO A 34 -2.69 11.24 -14.75
N THR A 35 -1.64 10.48 -14.44
CA THR A 35 -1.53 9.12 -14.95
C THR A 35 -2.44 8.13 -14.23
N VAL A 36 -2.52 8.21 -12.90
CA VAL A 36 -3.41 7.31 -12.16
C VAL A 36 -4.86 7.69 -12.46
N ASN A 37 -5.12 9.00 -12.60
CA ASN A 37 -6.44 9.47 -12.98
C ASN A 37 -6.83 8.90 -14.34
N ALA A 38 -5.88 8.93 -15.27
CA ALA A 38 -6.10 8.37 -16.59
C ALA A 38 -6.37 6.87 -16.51
N LEU A 39 -5.60 6.18 -15.69
CA LEU A 39 -5.76 4.73 -15.50
C LEU A 39 -7.12 4.41 -14.88
N GLN A 40 -7.48 5.17 -13.85
CA GLN A 40 -8.75 4.98 -13.16
C GLN A 40 -9.94 5.29 -14.06
N ASP A 41 -9.86 6.39 -14.81
CA ASP A 41 -10.92 6.77 -15.74
C ASP A 41 -11.05 5.74 -16.87
N TYR A 42 -9.92 5.25 -17.35
CA TYR A 42 -9.90 4.26 -18.42
C TYR A 42 -10.50 2.93 -17.96
N ALA A 43 -10.17 2.53 -16.73
CA ALA A 43 -10.66 1.28 -16.18
C ALA A 43 -12.17 1.35 -15.95
N ALA A 44 -12.65 2.50 -15.51
CA ALA A 44 -14.07 2.73 -15.30
C ALA A 44 -14.83 2.71 -16.62
N GLU A 45 -14.26 3.38 -17.62
CA GLU A 45 -14.85 3.45 -18.95
C GLU A 45 -14.93 2.07 -19.59
N LEU A 46 -13.84 1.31 -19.48
CA LEU A 46 -13.74 -0.02 -20.07
C LEU A 46 -14.73 -1.00 -19.46
N SER A 47 -15.16 -0.75 -18.23
CA SER A 47 -16.02 -1.68 -17.51
C SER A 47 -17.46 -1.16 -17.38
N GLY A 48 -17.73 -0.01 -17.98
CA GLY A 48 -19.06 0.57 -17.92
C GLY A 48 -19.46 1.04 -16.54
N LYS A 49 -18.46 1.35 -15.70
CA LYS A 49 -18.73 1.82 -14.35
C LYS A 49 -18.37 3.30 -14.20
N GLU A 50 -18.76 3.89 -13.07
CA GLU A 50 -18.63 5.33 -12.86
C GLU A 50 -17.24 5.76 -12.40
N ALA A 51 -16.57 4.94 -11.59
CA ALA A 51 -15.32 5.37 -10.98
C ALA A 51 -14.40 4.20 -10.64
N ALA A 52 -13.14 4.52 -10.39
CA ALA A 52 -12.15 3.53 -10.02
C ALA A 52 -11.02 4.16 -9.20
N ILE A 53 -10.34 3.35 -8.40
CA ILE A 53 -9.17 3.81 -7.67
C ILE A 53 -7.99 2.86 -7.77
N PHE A 54 -6.79 3.43 -7.71
CA PHE A 54 -5.56 2.65 -7.73
C PHE A 54 -5.16 2.24 -6.32
N LEU A 55 -4.74 0.99 -6.17
CA LEU A 55 -4.29 0.50 -4.86
C LEU A 55 -2.97 -0.24 -5.00
N PRO A 56 -2.18 -0.29 -3.91
CA PRO A 56 -0.88 -0.96 -3.93
C PRO A 56 -0.97 -2.46 -4.17
N THR A 57 -2.00 -3.10 -3.61
CA THR A 57 -2.14 -4.55 -3.72
C THR A 57 -3.59 -4.95 -3.97
N GLY A 58 -3.78 -6.19 -4.42
CA GLY A 58 -5.10 -6.76 -4.58
C GLY A 58 -5.75 -7.03 -3.23
N THR A 59 -4.91 -7.31 -2.23
CA THR A 59 -5.39 -7.54 -0.87
C THR A 59 -6.06 -6.30 -0.31
N GLN A 60 -5.45 -5.13 -0.53
CA GLN A 60 -6.03 -3.90 -0.04
C GLN A 60 -7.25 -3.54 -0.86
N ALA A 61 -7.20 -3.86 -2.16
CA ALA A 61 -8.33 -3.63 -3.05
C ALA A 61 -9.58 -4.32 -2.55
N ASN A 62 -9.41 -5.55 -2.05
CA ASN A 62 -10.52 -6.31 -1.51
C ASN A 62 -10.89 -5.87 -0.10
N LEU A 63 -9.87 -5.55 0.71
CA LEU A 63 -10.10 -5.08 2.06
C LEU A 63 -10.90 -3.78 2.04
N VAL A 64 -10.49 -2.87 1.17
CA VAL A 64 -11.19 -1.62 0.98
C VAL A 64 -12.58 -1.87 0.40
N ALA A 65 -12.68 -2.86 -0.48
CA ALA A 65 -13.96 -3.18 -1.11
C ALA A 65 -14.98 -3.68 -0.10
N LEU A 66 -14.55 -4.55 0.81
CA LEU A 66 -15.41 -5.10 1.85
C LEU A 66 -15.78 -4.02 2.86
N LEU A 67 -14.82 -3.15 3.19
CA LEU A 67 -15.07 -2.04 4.11
C LEU A 67 -16.11 -1.09 3.55
N SER A 68 -16.05 -0.88 2.23
CA SER A 68 -16.94 0.06 1.56
C SER A 68 -18.35 -0.51 1.37
N HIS A 69 -18.44 -1.83 1.31
CA HIS A 69 -19.74 -2.49 1.15
C HIS A 69 -20.39 -2.76 2.51
N CYS A 70 -19.60 -3.26 3.45
CA CYS A 70 -20.15 -3.75 4.71
C CYS A 70 -19.77 -2.88 5.89
N GLU A 71 -20.79 -2.43 6.63
CA GLU A 71 -20.55 -1.68 7.86
C GLU A 71 -20.21 -2.62 9.01
N ARG A 72 -19.83 -2.04 10.14
CA ARG A 72 -19.63 -2.80 11.37
C ARG A 72 -20.90 -3.56 11.75
N GLY A 73 -20.78 -4.88 11.83
CA GLY A 73 -21.88 -5.74 12.20
C GLY A 73 -22.54 -6.38 10.99
N GLU A 74 -22.15 -5.94 9.80
CA GLU A 74 -22.68 -6.51 8.57
C GLU A 74 -21.83 -7.69 8.11
N GLU A 75 -22.36 -8.45 7.16
CA GLU A 75 -21.79 -9.74 6.79
C GLU A 75 -21.66 -9.92 5.28
N TYR A 76 -20.57 -10.55 4.85
CA TYR A 76 -20.42 -10.88 3.43
C TYR A 76 -20.31 -12.39 3.23
N ILE A 77 -21.11 -12.90 2.30
CA ILE A 77 -21.09 -14.33 1.97
C ILE A 77 -20.01 -14.56 0.91
N VAL A 78 -19.21 -15.60 1.11
CA VAL A 78 -17.95 -15.73 0.38
C VAL A 78 -17.56 -17.21 0.32
N GLY A 79 -16.63 -17.55 -0.56
CA GLY A 79 -16.14 -18.92 -0.65
C GLY A 79 -15.13 -19.28 0.42
N GLN A 80 -15.21 -20.52 0.89
CA GLN A 80 -14.26 -21.05 1.88
C GLN A 80 -12.81 -20.94 1.38
N ALA A 81 -12.63 -21.06 0.07
CA ALA A 81 -11.30 -20.99 -0.52
C ALA A 81 -11.08 -19.67 -1.25
N ALA A 82 -11.99 -18.73 -1.06
CA ALA A 82 -11.88 -17.43 -1.70
C ALA A 82 -10.79 -16.59 -1.05
N HIS A 83 -10.15 -15.73 -1.83
CA HIS A 83 -9.00 -14.97 -1.36
C HIS A 83 -9.32 -13.97 -0.24
N ASN A 84 -10.38 -13.18 -0.41
CA ASN A 84 -10.69 -12.16 0.58
C ASN A 84 -11.36 -12.71 1.85
N TYR A 85 -11.35 -14.03 1.99
CA TYR A 85 -11.66 -14.66 3.26
C TYR A 85 -10.47 -15.45 3.79
N LEU A 86 -9.83 -16.21 2.91
CA LEU A 86 -8.82 -17.17 3.32
C LEU A 86 -7.39 -16.65 3.24
N PHE A 87 -7.07 -15.90 2.18
CA PHE A 87 -5.69 -15.57 1.90
C PHE A 87 -5.35 -14.11 2.18
N GLU A 88 -6.18 -13.44 2.97
CA GLU A 88 -5.90 -12.06 3.35
C GLU A 88 -5.92 -11.90 4.86
N ALA A 89 -5.50 -12.96 5.55
CA ALA A 89 -5.32 -12.97 7.00
C ALA A 89 -6.58 -12.59 7.78
N GLY A 90 -7.73 -12.69 7.13
CA GLY A 90 -8.99 -12.38 7.77
C GLY A 90 -9.17 -10.91 8.08
N GLY A 91 -8.58 -10.06 7.24
CA GLY A 91 -8.63 -8.62 7.43
C GLY A 91 -10.01 -8.02 7.60
N ALA A 92 -10.98 -8.52 6.84
CA ALA A 92 -12.34 -7.99 6.89
C ALA A 92 -12.96 -8.13 8.27
N ALA A 93 -12.66 -9.25 8.94
CA ALA A 93 -13.14 -9.48 10.30
C ALA A 93 -12.26 -8.77 11.31
N VAL A 94 -10.95 -8.95 11.16
CA VAL A 94 -9.98 -8.45 12.14
C VAL A 94 -9.88 -6.93 12.14
N LEU A 95 -9.78 -6.33 10.95
CA LEU A 95 -9.63 -4.89 10.85
C LEU A 95 -10.97 -4.19 10.61
N GLY A 96 -11.86 -4.84 9.87
CA GLY A 96 -13.07 -4.21 9.39
C GLY A 96 -14.33 -4.46 10.20
N SER A 97 -14.24 -5.37 11.17
CA SER A 97 -15.37 -5.73 12.02
C SER A 97 -16.53 -6.27 11.18
N ILE A 98 -16.19 -7.08 10.18
CA ILE A 98 -17.19 -7.66 9.30
C ILE A 98 -17.28 -9.17 9.50
N GLN A 99 -18.48 -9.66 9.76
CA GLN A 99 -18.70 -11.09 9.88
C GLN A 99 -18.56 -11.78 8.54
N PRO A 100 -17.63 -12.75 8.44
CA PRO A 100 -17.50 -13.56 7.24
C PRO A 100 -18.43 -14.77 7.27
N GLN A 101 -19.07 -15.05 6.14
CA GLN A 101 -19.87 -16.26 6.01
C GLN A 101 -19.37 -17.08 4.84
N PRO A 102 -18.36 -17.93 5.09
CA PRO A 102 -17.81 -18.76 4.03
C PRO A 102 -18.68 -19.99 3.76
N ILE A 103 -18.74 -20.37 2.48
CA ILE A 103 -19.42 -21.60 2.08
C ILE A 103 -18.58 -22.30 1.03
N ASP A 104 -18.74 -23.61 0.92
CA ASP A 104 -18.00 -24.37 -0.08
C ASP A 104 -18.45 -23.99 -1.49
N ALA A 105 -17.49 -23.70 -2.35
CA ALA A 105 -17.78 -23.43 -3.75
C ALA A 105 -18.05 -24.73 -4.49
N ALA A 106 -18.83 -24.64 -5.56
CA ALA A 106 -19.03 -25.79 -6.43
C ALA A 106 -17.75 -26.06 -7.23
N ALA A 107 -17.71 -27.21 -7.89
CA ALA A 107 -16.55 -27.60 -8.69
C ALA A 107 -16.19 -26.55 -9.75
N ASP A 108 -17.19 -25.86 -10.28
CA ASP A 108 -16.97 -24.87 -11.32
C ASP A 108 -16.52 -23.52 -10.77
N GLY A 109 -16.34 -23.45 -9.45
CA GLY A 109 -15.86 -22.23 -8.81
C GLY A 109 -16.96 -21.29 -8.40
N THR A 110 -18.21 -21.66 -8.68
CA THR A 110 -19.35 -20.82 -8.36
C THR A 110 -19.84 -21.11 -6.95
N LEU A 111 -20.32 -20.07 -6.26
CA LEU A 111 -21.01 -20.26 -5.00
C LEU A 111 -22.48 -20.51 -5.29
N PRO A 112 -22.93 -21.76 -5.10
CA PRO A 112 -24.31 -22.15 -5.41
C PRO A 112 -25.33 -21.28 -4.71
N LEU A 113 -26.25 -20.71 -5.49
CA LEU A 113 -27.16 -19.70 -4.98
C LEU A 113 -28.16 -20.26 -3.98
N ASP A 114 -28.40 -21.56 -4.04
CA ASP A 114 -29.30 -22.21 -3.09
C ASP A 114 -28.70 -22.24 -1.68
N LYS A 115 -27.38 -22.36 -1.58
CA LYS A 115 -26.72 -22.33 -0.29
C LYS A 115 -26.54 -20.90 0.18
N VAL A 116 -26.31 -19.99 -0.77
CA VAL A 116 -26.20 -18.57 -0.48
C VAL A 116 -27.48 -18.07 0.17
N ALA A 117 -28.61 -18.46 -0.40
CA ALA A 117 -29.92 -18.08 0.12
C ALA A 117 -30.13 -18.62 1.54
N MET A 118 -29.59 -19.80 1.80
CA MET A 118 -29.70 -20.41 3.12
C MET A 118 -28.82 -19.70 4.15
N LYS A 119 -27.87 -18.91 3.66
CA LYS A 119 -26.95 -18.21 4.54
C LYS A 119 -27.34 -16.74 4.74
N ILE A 120 -28.34 -16.29 3.99
CA ILE A 120 -28.84 -14.93 4.16
C ILE A 120 -29.61 -14.83 5.48
N LYS A 121 -29.09 -14.04 6.40
CA LYS A 121 -29.65 -13.96 7.74
C LYS A 121 -30.93 -13.14 7.77
N PRO A 122 -31.94 -13.62 8.49
CA PRO A 122 -33.17 -12.84 8.74
C PRO A 122 -32.85 -11.58 9.53
N ASP A 123 -33.72 -10.58 9.44
CA ASP A 123 -33.51 -9.36 10.22
C ASP A 123 -33.86 -9.61 11.66
N ASP A 124 -32.92 -10.22 12.38
CA ASP A 124 -33.10 -10.55 13.78
C ASP A 124 -31.82 -10.24 14.54
N ILE A 125 -31.96 -9.84 15.80
CA ILE A 125 -30.83 -9.36 16.60
C ILE A 125 -29.80 -10.44 16.92
N HIS A 126 -30.14 -11.70 16.65
CA HIS A 126 -29.23 -12.81 16.89
C HIS A 126 -28.18 -12.95 15.80
N PHE A 127 -28.48 -12.41 14.62
CA PHE A 127 -27.62 -12.63 13.46
C PHE A 127 -26.87 -11.39 13.03
N ALA A 128 -25.76 -11.61 12.34
CA ALA A 128 -25.10 -10.54 11.62
C ALA A 128 -26.01 -10.11 10.47
N ARG A 129 -25.73 -8.95 9.89
CA ARG A 129 -26.58 -8.43 8.83
C ARG A 129 -25.98 -8.68 7.46
N THR A 130 -26.50 -9.70 6.78
CA THR A 130 -26.06 -10.05 5.43
C THR A 130 -26.23 -8.87 4.48
N LYS A 131 -25.15 -8.49 3.82
CA LYS A 131 -25.14 -7.30 2.98
C LYS A 131 -24.50 -7.55 1.62
N LEU A 132 -23.51 -8.43 1.59
CA LEU A 132 -22.66 -8.59 0.41
C LEU A 132 -22.43 -10.04 0.01
N LEU A 133 -22.45 -10.29 -1.30
CA LEU A 133 -21.99 -11.56 -1.84
C LEU A 133 -20.71 -11.30 -2.62
N SER A 134 -19.64 -12.02 -2.26
CA SER A 134 -18.37 -11.83 -2.92
C SER A 134 -18.00 -13.04 -3.77
N LEU A 135 -17.67 -12.78 -5.03
CA LEU A 135 -17.30 -13.84 -5.96
C LEU A 135 -15.83 -13.70 -6.36
N GLU A 136 -15.31 -14.72 -7.02
CA GLU A 136 -13.92 -14.71 -7.46
C GLU A 136 -13.83 -15.27 -8.87
N ASN A 137 -13.30 -14.48 -9.78
CA ASN A 137 -13.26 -14.84 -11.20
C ASN A 137 -12.04 -14.21 -11.87
N THR A 138 -11.06 -15.03 -12.25
CA THR A 138 -11.12 -16.48 -12.07
C THR A 138 -10.85 -16.95 -10.65
N HIS A 139 -11.30 -18.17 -10.35
CA HIS A 139 -11.05 -18.80 -9.06
C HIS A 139 -10.16 -20.02 -9.26
N ASN A 140 -8.89 -19.89 -8.89
CA ASN A 140 -7.87 -20.91 -9.16
C ASN A 140 -7.84 -21.28 -10.63
N GLY A 141 -7.95 -20.26 -11.48
CA GLY A 141 -7.90 -20.46 -12.92
C GLY A 141 -9.26 -20.71 -13.54
N LYS A 142 -10.20 -21.18 -12.73
CA LYS A 142 -11.51 -21.59 -13.24
C LYS A 142 -12.35 -20.40 -13.67
N VAL A 143 -12.84 -20.45 -14.89
CA VAL A 143 -13.70 -19.41 -15.43
C VAL A 143 -15.17 -19.67 -15.10
N LEU A 144 -15.75 -18.81 -14.26
CA LEU A 144 -17.16 -18.91 -13.91
C LEU A 144 -18.04 -18.79 -15.15
N PRO A 145 -18.96 -19.75 -15.33
CA PRO A 145 -19.93 -19.72 -16.43
C PRO A 145 -20.74 -18.43 -16.45
N ARG A 146 -20.91 -17.86 -17.65
CA ARG A 146 -21.59 -16.58 -17.82
C ARG A 146 -23.02 -16.60 -17.28
N GLU A 147 -23.70 -17.73 -17.45
CA GLU A 147 -25.08 -17.86 -17.01
C GLU A 147 -25.19 -17.68 -15.50
N TYR A 148 -24.18 -18.13 -14.76
CA TYR A 148 -24.18 -18.00 -13.31
C TYR A 148 -23.99 -16.54 -12.89
N LEU A 149 -23.08 -15.85 -13.57
CA LEU A 149 -22.80 -14.45 -13.28
C LEU A 149 -24.05 -13.61 -13.40
N LYS A 150 -24.88 -13.93 -14.39
CA LYS A 150 -26.15 -13.25 -14.58
C LYS A 150 -27.13 -13.63 -13.48
N GLU A 151 -27.21 -14.94 -13.20
CA GLU A 151 -28.11 -15.45 -12.17
C GLU A 151 -27.80 -14.86 -10.80
N ALA A 152 -26.51 -14.78 -10.49
CA ALA A 152 -26.07 -14.26 -9.20
C ALA A 152 -26.34 -12.77 -9.10
N TRP A 153 -26.16 -12.05 -10.19
CA TRP A 153 -26.42 -10.62 -10.21
C TRP A 153 -27.90 -10.39 -9.94
N GLU A 154 -28.75 -11.12 -10.66
CA GLU A 154 -30.19 -11.03 -10.49
C GLU A 154 -30.62 -11.41 -9.07
N PHE A 155 -30.04 -12.49 -8.56
CA PHE A 155 -30.36 -12.97 -7.22
C PHE A 155 -30.09 -11.90 -6.15
N THR A 156 -28.92 -11.29 -6.23
CA THR A 156 -28.54 -10.23 -5.29
C THR A 156 -29.44 -9.00 -5.40
N ARG A 157 -29.94 -8.71 -6.59
CA ARG A 157 -30.87 -7.60 -6.77
C ARG A 157 -32.16 -7.91 -6.01
N GLU A 158 -32.62 -9.15 -6.14
CA GLU A 158 -33.84 -9.61 -5.52
C GLU A 158 -33.77 -9.64 -4.00
N ARG A 159 -32.57 -9.90 -3.48
CA ARG A 159 -32.38 -9.99 -2.03
C ARG A 159 -31.83 -8.68 -1.46
N ASN A 160 -31.69 -7.69 -2.34
CA ASN A 160 -31.10 -6.40 -1.98
C ASN A 160 -29.72 -6.58 -1.36
N LEU A 161 -28.91 -7.44 -1.97
CA LEU A 161 -27.54 -7.64 -1.55
C LEU A 161 -26.60 -7.04 -2.58
N ALA A 162 -25.45 -6.55 -2.11
CA ALA A 162 -24.43 -6.05 -3.01
C ALA A 162 -23.66 -7.22 -3.62
N LEU A 163 -23.06 -6.99 -4.78
CA LEU A 163 -22.27 -8.03 -5.44
C LEU A 163 -20.89 -7.53 -5.82
N HIS A 164 -19.88 -8.12 -5.18
CA HIS A 164 -18.50 -7.80 -5.49
C HIS A 164 -17.82 -9.04 -6.06
N VAL A 165 -16.97 -8.86 -7.05
CA VAL A 165 -16.18 -9.97 -7.56
C VAL A 165 -14.69 -9.65 -7.43
N ASP A 166 -13.94 -10.61 -6.89
CA ASP A 166 -12.50 -10.53 -6.87
C ASP A 166 -11.99 -10.84 -8.27
N GLY A 167 -11.64 -9.79 -9.01
CA GLY A 167 -11.23 -9.94 -10.39
C GLY A 167 -9.74 -9.80 -10.59
N ALA A 168 -8.97 -10.39 -9.68
CA ALA A 168 -7.51 -10.40 -9.79
C ALA A 168 -7.07 -10.99 -11.13
N ARG A 169 -7.84 -11.95 -11.63
CA ARG A 169 -7.57 -12.56 -12.94
C ARG A 169 -8.83 -12.53 -13.80
N ILE A 170 -9.48 -11.39 -13.83
CA ILE A 170 -10.72 -11.20 -14.59
C ILE A 170 -10.50 -11.07 -16.07
N PHE A 171 -9.32 -10.63 -16.43
CA PHE A 171 -8.97 -10.50 -17.84
C PHE A 171 -8.58 -11.85 -18.44
N ASN A 172 -8.11 -12.76 -17.59
CA ASN A 172 -7.90 -14.14 -18.02
C ASN A 172 -9.23 -14.77 -18.39
N ALA A 173 -10.25 -14.45 -17.61
CA ALA A 173 -11.61 -14.90 -17.89
C ALA A 173 -12.16 -14.25 -19.15
N VAL A 174 -11.89 -12.96 -19.30
CA VAL A 174 -12.42 -12.17 -20.42
C VAL A 174 -12.02 -12.75 -21.78
N VAL A 175 -10.75 -13.13 -21.93
CA VAL A 175 -10.29 -13.69 -23.19
C VAL A 175 -10.71 -15.15 -23.31
N ALA A 176 -11.01 -15.77 -22.17
CA ALA A 176 -11.55 -17.13 -22.17
C ALA A 176 -13.02 -17.08 -22.58
N TYR A 177 -13.69 -16.00 -22.20
CA TYR A 177 -15.06 -15.76 -22.64
C TYR A 177 -15.08 -15.37 -24.11
N GLY A 178 -14.06 -14.62 -24.52
CA GLY A 178 -14.01 -14.09 -25.88
C GLY A 178 -14.90 -12.87 -26.02
N CYS A 179 -15.26 -12.28 -24.89
CA CYS A 179 -16.13 -11.11 -24.88
C CYS A 179 -15.40 -9.87 -24.37
N GLU A 180 -16.17 -8.81 -24.13
CA GLU A 180 -15.67 -7.58 -23.54
C GLU A 180 -15.84 -7.58 -22.03
N LEU A 181 -14.96 -6.84 -21.36
CA LEU A 181 -14.98 -6.73 -19.91
C LEU A 181 -16.33 -6.23 -19.41
N LYS A 182 -16.84 -5.21 -20.09
CA LYS A 182 -18.14 -4.63 -19.79
C LYS A 182 -19.25 -5.68 -19.71
N GLU A 183 -19.20 -6.66 -20.61
CA GLU A 183 -20.23 -7.69 -20.69
C GLU A 183 -20.17 -8.65 -19.50
N ILE A 184 -19.07 -8.60 -18.77
CA ILE A 184 -18.89 -9.39 -17.55
C ILE A 184 -19.15 -8.51 -16.33
N THR A 185 -18.65 -7.28 -16.40
CA THR A 185 -18.66 -6.36 -15.27
C THR A 185 -20.06 -5.82 -14.97
N GLN A 186 -20.93 -5.87 -15.98
CA GLN A 186 -22.32 -5.45 -15.80
C GLN A 186 -23.05 -6.26 -14.74
N TYR A 187 -22.52 -7.45 -14.43
CA TYR A 187 -23.17 -8.34 -13.47
C TYR A 187 -22.57 -8.19 -12.08
N CYS A 188 -22.11 -6.99 -11.75
CA CYS A 188 -21.61 -6.71 -10.40
C CYS A 188 -21.69 -5.24 -10.05
N ASP A 189 -21.71 -4.96 -8.75
CA ASP A 189 -21.70 -3.58 -8.26
C ASP A 189 -20.26 -3.06 -8.21
N SER A 190 -19.36 -3.91 -7.76
CA SER A 190 -17.94 -3.57 -7.71
C SER A 190 -17.08 -4.77 -8.07
N PHE A 191 -15.87 -4.51 -8.53
CA PHE A 191 -14.94 -5.59 -8.84
C PHE A 191 -13.50 -5.08 -8.79
N THR A 192 -12.55 -6.01 -8.75
CA THR A 192 -11.15 -5.64 -8.70
C THR A 192 -10.40 -6.01 -9.97
N ILE A 193 -9.25 -5.36 -10.18
CA ILE A 193 -8.35 -5.70 -11.27
C ILE A 193 -6.92 -5.72 -10.77
N CYS A 194 -6.31 -6.90 -10.73
CA CYS A 194 -4.89 -6.98 -10.41
C CYS A 194 -4.07 -6.72 -11.66
N LEU A 195 -3.04 -5.90 -11.52
CA LEU A 195 -2.22 -5.51 -12.64
C LEU A 195 -0.86 -6.18 -12.56
N SER A 196 -0.53 -6.69 -11.37
CA SER A 196 0.81 -7.18 -11.08
C SER A 196 0.98 -8.66 -11.35
N LYS A 197 0.03 -9.27 -12.04
CA LYS A 197 0.12 -10.68 -12.39
C LYS A 197 0.30 -10.90 -13.88
N GLY A 198 -0.68 -11.56 -14.49
CA GLY A 198 -0.65 -11.84 -15.91
C GLY A 198 -0.48 -10.61 -16.78
N LEU A 199 -1.02 -9.48 -16.33
CA LEU A 199 -0.87 -8.22 -17.07
C LEU A 199 0.55 -7.69 -16.97
N GLY A 200 1.26 -8.11 -15.92
CA GLY A 200 2.70 -7.94 -15.85
C GLY A 200 3.29 -6.65 -15.32
N THR A 201 2.54 -5.94 -14.46
CA THR A 201 3.09 -4.73 -13.84
C THR A 201 3.82 -5.11 -12.55
N PRO A 202 4.72 -4.23 -12.08
CA PRO A 202 5.39 -4.57 -10.82
C PRO A 202 4.50 -4.42 -9.59
N VAL A 203 3.64 -3.42 -9.60
CA VAL A 203 2.78 -3.10 -8.46
C VAL A 203 1.42 -2.59 -8.94
N GLY A 204 0.35 -3.01 -8.28
CA GLY A 204 -0.92 -2.33 -8.44
C GLY A 204 -2.16 -3.16 -8.65
N SER A 205 -3.26 -2.68 -8.08
CA SER A 205 -4.59 -3.23 -8.32
C SER A 205 -5.59 -2.09 -8.46
N LEU A 206 -6.76 -2.40 -9.01
CA LEU A 206 -7.80 -1.39 -9.15
C LEU A 206 -9.10 -1.82 -8.49
N LEU A 207 -9.76 -0.88 -7.82
CA LEU A 207 -11.12 -1.09 -7.32
C LEU A 207 -12.06 -0.16 -8.07
N VAL A 208 -13.08 -0.72 -8.69
CA VAL A 208 -13.99 0.07 -9.51
C VAL A 208 -15.46 -0.24 -9.23
N GLY A 209 -16.26 0.82 -9.18
CA GLY A 209 -17.68 0.73 -8.88
C GLY A 209 -18.34 2.06 -9.14
N ASN A 210 -19.41 2.37 -8.40
CA ASN A 210 -20.10 3.64 -8.60
C ASN A 210 -19.40 4.77 -7.85
N ARG A 211 -19.79 6.00 -8.14
CA ARG A 211 -19.10 7.18 -7.63
C ARG A 211 -19.12 7.29 -6.10
N ASP A 212 -20.28 7.08 -5.50
CA ASP A 212 -20.42 7.18 -4.06
C ASP A 212 -19.67 6.05 -3.35
N TYR A 213 -19.71 4.87 -3.95
CA TYR A 213 -19.00 3.71 -3.43
C TYR A 213 -17.50 3.93 -3.40
N ILE A 214 -16.95 4.40 -4.52
CA ILE A 214 -15.52 4.63 -4.64
C ILE A 214 -15.06 5.76 -3.73
N LYS A 215 -15.94 6.75 -3.53
CA LYS A 215 -15.63 7.86 -2.62
C LYS A 215 -15.41 7.35 -1.20
N ARG A 216 -16.25 6.40 -0.77
CA ARG A 216 -16.06 5.76 0.52
C ARG A 216 -14.78 4.94 0.52
N ALA A 217 -14.51 4.31 -0.62
CA ALA A 217 -13.33 3.48 -0.79
C ALA A 217 -12.04 4.29 -0.66
N ILE A 218 -12.10 5.55 -1.04
CA ILE A 218 -10.94 6.44 -0.93
C ILE A 218 -10.60 6.72 0.53
N ARG A 219 -11.64 6.89 1.35
CA ARG A 219 -11.45 7.06 2.79
C ARG A 219 -10.79 5.84 3.41
N TRP A 220 -11.23 4.65 3.01
CA TRP A 220 -10.72 3.41 3.59
C TRP A 220 -9.31 3.09 3.10
N ARG A 221 -9.00 3.48 1.86
CA ARG A 221 -7.66 3.29 1.32
C ARG A 221 -6.65 4.14 2.11
N LYS A 222 -7.08 5.33 2.50
CA LYS A 222 -6.26 6.23 3.30
C LYS A 222 -5.94 5.61 4.66
N MET A 223 -6.96 5.11 5.33
CA MET A 223 -6.81 4.51 6.65
C MET A 223 -5.95 3.25 6.63
N THR A 224 -6.08 2.47 5.55
CA THR A 224 -5.34 1.22 5.43
C THR A 224 -3.92 1.44 4.94
N GLY A 225 -3.62 2.65 4.50
CA GLY A 225 -2.26 3.01 4.14
C GLY A 225 -1.92 2.91 2.66
N GLY A 226 -2.94 3.04 1.81
CA GLY A 226 -2.72 2.94 0.38
C GLY A 226 -2.76 4.26 -0.35
N GLY A 227 -2.85 5.36 0.39
CA GLY A 227 -2.86 6.69 -0.22
C GLY A 227 -1.48 7.19 -0.59
N MET A 228 -1.01 6.77 -1.76
CA MET A 228 0.33 7.12 -2.23
C MET A 228 0.36 8.50 -2.90
N ARG A 229 1.57 8.97 -3.19
CA ARG A 229 1.75 10.29 -3.81
C ARG A 229 1.90 10.20 -5.32
N GLN A 230 3.14 10.03 -5.79
CA GLN A 230 3.41 9.97 -7.22
C GLN A 230 3.31 8.56 -7.76
N SER A 231 2.17 7.92 -7.53
CA SER A 231 1.96 6.54 -7.95
C SER A 231 1.64 6.44 -9.44
N GLY A 232 1.64 7.58 -10.13
CA GLY A 232 1.43 7.62 -11.57
C GLY A 232 2.48 6.84 -12.32
N ILE A 233 3.69 6.82 -11.77
CA ILE A 233 4.79 6.05 -12.35
C ILE A 233 4.44 4.56 -12.32
N LEU A 234 3.72 4.15 -11.29
CA LEU A 234 3.24 2.78 -11.17
C LEU A 234 2.02 2.56 -12.07
N ALA A 235 1.12 3.55 -12.07
CA ALA A 235 -0.10 3.49 -12.86
C ALA A 235 0.19 3.43 -14.35
N ALA A 236 1.32 3.99 -14.77
CA ALA A 236 1.72 4.01 -16.16
C ALA A 236 1.88 2.60 -16.70
N ALA A 237 2.43 1.71 -15.87
CA ALA A 237 2.59 0.31 -16.23
C ALA A 237 1.23 -0.33 -16.42
N GLY A 238 0.27 0.08 -15.59
CA GLY A 238 -1.09 -0.41 -15.68
C GLY A 238 -1.75 -0.04 -16.99
N ILE A 239 -1.58 1.23 -17.39
CA ILE A 239 -2.12 1.70 -18.66
C ILE A 239 -1.51 0.93 -19.83
N TYR A 240 -0.20 0.71 -19.78
CA TYR A 240 0.49 -0.04 -20.81
C TYR A 240 -0.03 -1.47 -20.89
N ALA A 241 -0.25 -2.09 -19.73
CA ALA A 241 -0.64 -3.49 -19.67
C ALA A 241 -2.05 -3.70 -20.19
N LEU A 242 -2.94 -2.79 -19.84
CA LEU A 242 -4.32 -2.83 -20.33
C LEU A 242 -4.40 -2.71 -21.84
N LYS A 243 -3.43 -2.02 -22.43
CA LYS A 243 -3.45 -1.77 -23.87
C LYS A 243 -2.59 -2.72 -24.70
N ASN A 244 -1.76 -3.52 -24.03
CA ASN A 244 -0.81 -4.36 -24.76
C ASN A 244 -0.70 -5.81 -24.30
N ASN A 245 -1.13 -6.10 -23.06
CA ASN A 245 -0.85 -7.39 -22.46
C ASN A 245 -2.08 -8.26 -22.19
N VAL A 246 -3.24 -7.81 -22.66
CA VAL A 246 -4.48 -8.52 -22.41
C VAL A 246 -4.68 -9.67 -23.39
N ALA A 247 -4.55 -9.38 -24.68
CA ALA A 247 -4.78 -10.38 -25.73
C ALA A 247 -3.83 -11.57 -25.61
N ARG A 248 -2.60 -11.30 -25.21
CA ARG A 248 -1.57 -12.32 -25.15
C ARG A 248 -1.75 -13.27 -23.96
N LEU A 249 -2.73 -13.01 -23.12
CA LEU A 249 -3.04 -13.93 -22.02
C LEU A 249 -3.46 -15.30 -22.55
N GLN A 250 -3.97 -15.31 -23.78
CA GLN A 250 -4.28 -16.55 -24.48
C GLN A 250 -3.05 -17.44 -24.55
N GLU A 251 -1.89 -16.81 -24.68
CA GLU A 251 -0.61 -17.53 -24.70
C GLU A 251 -0.39 -18.32 -23.42
N ASP A 252 -0.70 -17.69 -22.29
CA ASP A 252 -0.56 -18.34 -20.99
C ASP A 252 -1.52 -19.52 -20.86
N HIS A 253 -2.70 -19.36 -21.44
CA HIS A 253 -3.71 -20.41 -21.39
C HIS A 253 -3.29 -21.61 -22.23
N ASP A 254 -2.80 -21.34 -23.44
CA ASP A 254 -2.35 -22.39 -24.34
C ASP A 254 -1.13 -23.12 -23.74
N ASN A 255 -0.27 -22.37 -23.07
CA ASN A 255 0.91 -22.93 -22.43
C ASN A 255 0.55 -23.90 -21.31
N ALA A 256 -0.35 -23.47 -20.43
CA ALA A 256 -0.84 -24.30 -19.34
C ALA A 256 -1.50 -25.56 -19.88
N ALA A 257 -2.30 -25.40 -20.95
CA ALA A 257 -2.96 -26.52 -21.59
C ALA A 257 -1.94 -27.47 -22.21
N TRP A 258 -0.91 -26.90 -22.83
CA TRP A 258 0.17 -27.68 -23.43
C TRP A 258 0.97 -28.42 -22.36
N MET A 259 1.25 -27.73 -21.26
CA MET A 259 2.02 -28.31 -20.17
C MET A 259 1.28 -29.47 -19.52
N ALA A 260 -0.04 -29.32 -19.39
CA ALA A 260 -0.89 -30.37 -18.84
C ALA A 260 -0.80 -31.63 -19.70
N GLU A 261 -0.87 -31.44 -21.01
CA GLU A 261 -0.71 -32.53 -21.96
C GLU A 261 0.67 -33.16 -21.82
N GLN A 262 1.68 -32.30 -21.72
CA GLN A 262 3.07 -32.74 -21.64
C GLN A 262 3.38 -33.50 -20.34
N LEU A 263 2.83 -33.02 -19.23
CA LEU A 263 3.06 -33.64 -17.93
C LEU A 263 2.30 -34.96 -17.77
N ARG A 264 1.13 -35.05 -18.41
CA ARG A 264 0.38 -36.30 -18.41
C ARG A 264 1.16 -37.39 -19.13
N GLU A 265 1.81 -37.00 -20.22
CA GLU A 265 2.62 -37.93 -21.01
C GLU A 265 3.89 -38.33 -20.25
N ALA A 266 4.35 -37.44 -19.38
CA ALA A 266 5.58 -37.69 -18.62
C ALA A 266 5.33 -38.59 -17.42
N GLY A 267 4.06 -38.91 -17.17
CA GLY A 267 3.70 -39.81 -16.10
C GLY A 267 3.28 -39.12 -14.83
N ALA A 268 2.91 -37.84 -14.94
CA ALA A 268 2.44 -37.07 -13.80
C ALA A 268 0.92 -37.08 -13.69
N ASP A 269 0.41 -37.00 -12.48
CA ASP A 269 -1.03 -36.98 -12.24
C ASP A 269 -1.61 -35.58 -12.38
N VAL A 270 -1.90 -35.19 -13.62
CA VAL A 270 -2.51 -33.89 -13.89
C VAL A 270 -3.99 -33.89 -13.52
N MET A 271 -4.34 -33.08 -12.50
CA MET A 271 -5.70 -33.07 -12.00
C MET A 271 -6.63 -32.24 -12.89
N ARG A 272 -6.22 -31.02 -13.20
CA ARG A 272 -6.99 -30.14 -14.08
C ARG A 272 -6.17 -28.94 -14.53
N GLN A 273 -6.55 -28.36 -15.66
CA GLN A 273 -5.96 -27.10 -16.10
C GLN A 273 -7.06 -26.10 -16.45
N ASP A 274 -6.92 -24.87 -15.97
CA ASP A 274 -7.88 -23.83 -16.24
C ASP A 274 -7.16 -22.51 -16.48
N THR A 275 -7.42 -21.89 -17.63
CA THR A 275 -6.70 -20.71 -18.08
C THR A 275 -5.18 -20.88 -17.91
N ASN A 276 -4.58 -20.05 -17.08
CA ASN A 276 -3.13 -20.07 -16.90
C ASN A 276 -2.68 -20.83 -15.67
N MET A 277 -3.50 -21.78 -15.20
CA MET A 277 -3.12 -22.61 -14.07
C MET A 277 -3.19 -24.09 -14.37
N LEU A 278 -2.43 -24.86 -13.61
CA LEU A 278 -2.36 -26.30 -13.77
C LEU A 278 -2.07 -26.98 -12.43
N PHE A 279 -2.81 -28.04 -12.12
CA PHE A 279 -2.69 -28.69 -10.81
C PHE A 279 -2.27 -30.16 -10.93
N VAL A 280 -1.15 -30.48 -10.31
CA VAL A 280 -0.61 -31.84 -10.33
C VAL A 280 -0.64 -32.48 -8.95
N ARG A 281 -1.14 -33.71 -8.85
CA ARG A 281 -1.14 -34.42 -7.59
C ARG A 281 0.15 -35.20 -7.36
N VAL A 282 1.12 -34.55 -6.71
CA VAL A 282 2.39 -35.16 -6.36
C VAL A 282 2.29 -35.88 -5.01
N GLY A 283 3.11 -36.89 -4.80
CA GLY A 283 3.14 -37.57 -3.51
C GLY A 283 3.54 -36.60 -2.41
N GLU A 284 2.95 -36.77 -1.22
CA GLU A 284 3.41 -36.04 -0.05
C GLU A 284 4.87 -36.40 0.25
N GLU A 285 5.21 -37.66 -0.04
CA GLU A 285 6.58 -38.12 0.06
C GLU A 285 7.48 -37.48 -1.00
N ASN A 286 6.90 -37.22 -2.17
CA ASN A 286 7.65 -36.68 -3.29
C ASN A 286 7.56 -35.16 -3.41
N ALA A 287 6.69 -34.55 -2.62
CA ALA A 287 6.44 -33.11 -2.71
C ALA A 287 7.69 -32.29 -2.45
N ALA A 288 8.29 -32.48 -1.28
CA ALA A 288 9.49 -31.76 -0.89
C ALA A 288 10.67 -32.10 -1.80
N ALA A 289 10.73 -33.36 -2.22
CA ALA A 289 11.83 -33.85 -3.05
C ALA A 289 11.79 -33.24 -4.45
N LEU A 290 10.57 -33.09 -4.99
CA LEU A 290 10.39 -32.51 -6.30
C LEU A 290 10.82 -31.04 -6.34
N GLY A 291 10.43 -30.31 -5.31
CA GLY A 291 10.83 -28.91 -5.15
C GLY A 291 12.34 -28.74 -5.15
N GLU A 292 13.01 -29.56 -4.36
CA GLU A 292 14.47 -29.51 -4.25
C GLU A 292 15.11 -29.92 -5.56
N TYR A 293 14.53 -30.91 -6.22
CA TYR A 293 15.02 -31.38 -7.52
C TYR A 293 14.94 -30.26 -8.55
N MET A 294 13.81 -29.57 -8.58
CA MET A 294 13.59 -28.49 -9.53
C MET A 294 14.41 -27.25 -9.20
N LYS A 295 14.53 -26.96 -7.91
CA LYS A 295 15.30 -25.81 -7.45
C LYS A 295 16.77 -25.93 -7.84
N ALA A 296 17.26 -27.15 -7.92
CA ALA A 296 18.64 -27.42 -8.25
C ALA A 296 18.88 -27.32 -9.73
N ARG A 297 17.84 -27.12 -10.47
CA ARG A 297 17.93 -26.95 -11.91
C ARG A 297 17.29 -25.64 -12.33
N ASN A 298 17.29 -24.67 -11.42
CA ASN A 298 16.78 -23.33 -11.67
C ASN A 298 15.32 -23.31 -12.10
N VAL A 299 14.54 -24.23 -11.56
CA VAL A 299 13.10 -24.22 -11.76
C VAL A 299 12.41 -24.01 -10.42
N LEU A 300 11.57 -22.98 -10.34
CA LEU A 300 10.91 -22.64 -9.08
C LEU A 300 9.45 -23.07 -9.06
N ILE A 301 9.13 -23.95 -8.13
CA ILE A 301 7.74 -24.32 -7.87
C ILE A 301 7.43 -24.18 -6.39
N ASN A 302 6.14 -24.08 -6.07
CA ASN A 302 5.69 -24.21 -4.70
C ASN A 302 5.46 -25.67 -4.36
N ALA A 303 6.46 -26.29 -3.74
CA ALA A 303 6.41 -27.72 -3.42
C ALA A 303 5.25 -28.03 -2.49
N SER A 304 4.44 -29.01 -2.89
CA SER A 304 3.20 -29.33 -2.20
C SER A 304 2.67 -30.66 -2.73
N PRO A 305 1.88 -31.38 -1.91
CA PRO A 305 1.24 -32.61 -2.38
C PRO A 305 0.39 -32.35 -3.62
N ILE A 306 -0.27 -31.19 -3.65
CA ILE A 306 -0.88 -30.72 -4.89
C ILE A 306 -0.16 -29.47 -5.34
N VAL A 307 0.52 -29.57 -6.48
CA VAL A 307 1.31 -28.46 -6.99
C VAL A 307 0.51 -27.59 -7.94
N ARG A 308 0.49 -26.28 -7.69
CA ARG A 308 -0.12 -25.35 -8.61
C ARG A 308 0.95 -24.75 -9.51
N LEU A 309 0.81 -24.99 -10.80
CA LEU A 309 1.70 -24.38 -11.79
C LEU A 309 0.98 -23.23 -12.47
N VAL A 310 1.63 -22.08 -12.51
CA VAL A 310 1.03 -20.88 -13.11
C VAL A 310 1.92 -20.34 -14.22
N THR A 311 1.34 -20.20 -15.41
CA THR A 311 2.05 -19.66 -16.55
C THR A 311 1.85 -18.15 -16.64
N HIS A 312 2.77 -17.49 -17.35
CA HIS A 312 2.80 -16.04 -17.44
C HIS A 312 3.75 -15.62 -18.56
N LEU A 313 3.84 -14.32 -18.82
CA LEU A 313 4.62 -13.83 -19.94
C LEU A 313 6.13 -14.04 -19.76
N ASP A 314 6.55 -14.36 -18.54
CA ASP A 314 7.97 -14.60 -18.27
C ASP A 314 8.34 -16.08 -18.25
N VAL A 315 7.46 -16.92 -18.80
CA VAL A 315 7.79 -18.32 -19.02
C VAL A 315 7.32 -18.76 -20.41
N SER A 316 8.27 -19.19 -21.24
CA SER A 316 7.95 -19.59 -22.61
C SER A 316 7.59 -21.07 -22.67
N ARG A 317 7.15 -21.52 -23.85
CA ARG A 317 6.83 -22.94 -24.01
C ARG A 317 8.11 -23.75 -24.05
N GLU A 318 9.16 -23.15 -24.59
CA GLU A 318 10.47 -23.79 -24.61
C GLU A 318 10.93 -24.08 -23.19
N GLN A 319 10.65 -23.15 -22.30
CA GLN A 319 10.99 -23.31 -20.89
C GLN A 319 10.10 -24.35 -20.23
N LEU A 320 8.83 -24.37 -20.61
CA LEU A 320 7.90 -25.38 -20.14
C LEU A 320 8.36 -26.78 -20.54
N ALA A 321 8.85 -26.91 -21.77
CA ALA A 321 9.35 -28.18 -22.27
C ALA A 321 10.55 -28.66 -21.47
N GLU A 322 11.41 -27.71 -21.10
CA GLU A 322 12.57 -27.99 -20.28
C GLU A 322 12.16 -28.52 -18.91
N VAL A 323 11.19 -27.86 -18.28
CA VAL A 323 10.67 -28.28 -16.98
C VAL A 323 10.00 -29.65 -17.08
N ALA A 324 9.24 -29.84 -18.16
CA ALA A 324 8.54 -31.10 -18.38
C ALA A 324 9.53 -32.27 -18.51
N ALA A 325 10.70 -31.97 -19.07
CA ALA A 325 11.73 -32.99 -19.22
C ALA A 325 12.35 -33.34 -17.87
N HIS A 326 12.52 -32.32 -17.02
CA HIS A 326 13.02 -32.53 -15.67
C HIS A 326 12.04 -33.34 -14.85
N TRP A 327 10.75 -33.02 -15.01
CA TRP A 327 9.69 -33.73 -14.31
C TRP A 327 9.68 -35.20 -14.72
N ARG A 328 9.86 -35.45 -16.01
CA ARG A 328 9.91 -36.80 -16.55
C ARG A 328 11.09 -37.57 -15.98
N ALA A 329 12.24 -36.91 -15.91
CA ALA A 329 13.44 -37.51 -15.33
C ALA A 329 13.26 -37.78 -13.84
N PHE A 330 12.54 -36.90 -13.17
CA PHE A 330 12.27 -37.05 -11.74
C PHE A 330 11.40 -38.28 -11.47
N LEU A 331 10.50 -38.58 -12.40
CA LEU A 331 9.57 -39.68 -12.24
C LEU A 331 10.12 -40.98 -12.81
N ALA A 332 11.40 -40.97 -13.14
CA ALA A 332 12.06 -42.16 -13.69
C ALA A 332 13.25 -42.56 -12.84
N MET B 1 5.31 25.87 -12.24
CA MET B 1 4.43 25.71 -11.10
C MET B 1 5.21 25.64 -9.79
N ILE B 2 4.92 26.56 -8.87
CA ILE B 2 5.57 26.58 -7.57
C ILE B 2 4.65 26.00 -6.51
N ASP B 3 5.06 24.87 -5.93
CA ASP B 3 4.20 24.12 -5.01
C ASP B 3 4.78 24.11 -3.59
N LEU B 4 4.15 24.86 -2.69
CA LEU B 4 4.57 24.86 -1.29
C LEU B 4 3.54 24.19 -0.39
N ARG B 5 2.69 23.35 -0.98
CA ARG B 5 1.66 22.66 -0.20
C ARG B 5 2.28 21.67 0.78
N SER B 6 3.33 20.98 0.32
CA SER B 6 4.01 19.97 1.13
C SER B 6 5.27 19.47 0.42
N ASP B 7 6.11 18.76 1.15
CA ASP B 7 7.29 18.13 0.56
C ASP B 7 6.91 16.79 -0.08
N THR B 8 5.66 16.40 0.07
CA THR B 8 5.15 15.18 -0.55
C THR B 8 5.07 15.32 -2.07
N VAL B 9 5.00 16.55 -2.55
CA VAL B 9 4.79 16.83 -3.97
C VAL B 9 6.07 16.65 -4.79
N THR B 10 7.18 16.34 -4.12
CA THR B 10 8.46 16.14 -4.80
C THR B 10 8.36 15.11 -5.92
N ARG B 11 9.08 15.35 -7.00
CA ARG B 11 9.06 14.44 -8.12
C ARG B 11 10.45 13.83 -8.29
N PRO B 12 10.50 12.60 -8.85
CA PRO B 12 11.77 11.90 -8.98
C PRO B 12 12.75 12.61 -9.90
N SER B 13 13.99 12.74 -9.47
CA SER B 13 15.01 13.29 -10.35
C SER B 13 15.34 12.25 -11.41
N ARG B 14 16.01 12.69 -12.46
CA ARG B 14 16.39 11.81 -13.54
C ARG B 14 17.35 10.71 -13.10
N ALA B 15 18.30 11.05 -12.24
CA ALA B 15 19.25 10.06 -11.75
C ALA B 15 18.50 9.02 -10.90
N MET B 16 17.50 9.49 -10.16
CA MET B 16 16.65 8.61 -9.36
C MET B 16 15.85 7.69 -10.27
N LEU B 17 15.31 8.26 -11.36
CA LEU B 17 14.55 7.50 -12.34
C LEU B 17 15.42 6.45 -13.01
N GLU B 18 16.64 6.82 -13.37
CA GLU B 18 17.57 5.90 -14.00
C GLU B 18 17.93 4.76 -13.05
N ALA B 19 17.92 5.04 -11.76
CA ALA B 19 18.19 4.03 -10.76
C ALA B 19 17.00 3.08 -10.62
N MET B 20 15.79 3.65 -10.71
CA MET B 20 14.57 2.87 -10.63
C MET B 20 14.47 1.85 -11.75
N MET B 21 14.78 2.28 -12.97
CA MET B 21 14.63 1.43 -14.15
C MET B 21 15.75 0.41 -14.29
N ALA B 22 16.85 0.64 -13.59
CA ALA B 22 18.02 -0.24 -13.70
C ALA B 22 18.07 -1.31 -12.61
N ALA B 23 17.24 -1.14 -11.58
CA ALA B 23 17.31 -2.01 -10.41
C ALA B 23 16.73 -3.40 -10.68
N PRO B 24 17.40 -4.43 -10.14
CA PRO B 24 16.90 -5.81 -10.18
C PRO B 24 15.72 -6.01 -9.24
N VAL B 25 14.69 -6.70 -9.70
CA VAL B 25 13.51 -6.92 -8.87
C VAL B 25 13.15 -8.40 -8.72
N GLY B 26 12.18 -8.66 -7.84
CA GLY B 26 11.67 -9.99 -7.63
C GLY B 26 10.34 -9.87 -6.91
N ASP B 27 9.84 -10.99 -6.39
CA ASP B 27 8.59 -10.96 -5.64
C ASP B 27 8.90 -10.78 -4.16
N ASP B 28 8.53 -9.62 -3.61
CA ASP B 28 8.84 -9.29 -2.23
C ASP B 28 8.08 -10.15 -1.22
N VAL B 29 6.89 -10.61 -1.62
CA VAL B 29 6.11 -11.52 -0.79
C VAL B 29 6.91 -12.80 -0.52
N TYR B 30 7.57 -13.30 -1.56
CA TYR B 30 8.45 -14.44 -1.42
C TYR B 30 9.82 -14.01 -0.88
N GLY B 31 10.00 -12.70 -0.74
CA GLY B 31 11.27 -12.16 -0.25
C GLY B 31 12.35 -12.18 -1.30
N ASP B 32 11.95 -12.27 -2.57
CA ASP B 32 12.90 -12.49 -3.66
C ASP B 32 13.37 -11.21 -4.35
N ASP B 33 12.98 -10.05 -3.84
CA ASP B 33 13.37 -8.78 -4.44
C ASP B 33 14.66 -8.26 -3.80
N PRO B 34 15.77 -8.31 -4.55
CA PRO B 34 17.11 -7.96 -4.05
C PRO B 34 17.24 -6.48 -3.71
N THR B 35 16.52 -5.63 -4.43
CA THR B 35 16.60 -4.20 -4.24
C THR B 35 15.86 -3.77 -2.98
N VAL B 36 14.70 -4.37 -2.74
CA VAL B 36 13.93 -4.08 -1.54
C VAL B 36 14.70 -4.57 -0.31
N ASN B 37 15.33 -5.73 -0.45
CA ASN B 37 16.17 -6.27 0.61
C ASN B 37 17.35 -5.35 0.93
N ALA B 38 18.00 -4.84 -0.12
CA ALA B 38 19.14 -3.95 0.03
C ALA B 38 18.75 -2.66 0.76
N LEU B 39 17.61 -2.08 0.38
CA LEU B 39 17.13 -0.86 1.01
C LEU B 39 16.84 -1.08 2.49
N GLN B 40 16.16 -2.18 2.79
CA GLN B 40 15.82 -2.53 4.17
C GLN B 40 17.07 -2.82 4.98
N ASP B 41 18.02 -3.55 4.41
CA ASP B 41 19.27 -3.86 5.09
C ASP B 41 20.09 -2.61 5.35
N TYR B 42 20.12 -1.70 4.38
CA TYR B 42 20.88 -0.46 4.50
C TYR B 42 20.26 0.47 5.56
N ALA B 43 18.94 0.53 5.58
CA ALA B 43 18.23 1.38 6.54
C ALA B 43 18.40 0.88 7.96
N ALA B 44 18.40 -0.43 8.14
CA ALA B 44 18.59 -1.03 9.44
C ALA B 44 20.00 -0.78 9.96
N GLU B 45 20.98 -0.97 9.09
CA GLU B 45 22.39 -0.74 9.42
C GLU B 45 22.65 0.71 9.78
N LEU B 46 22.11 1.62 8.98
CA LEU B 46 22.29 3.05 9.16
C LEU B 46 21.70 3.53 10.48
N SER B 47 20.72 2.80 11.01
CA SER B 47 20.03 3.22 12.21
C SER B 47 20.39 2.36 13.42
N GLY B 48 21.31 1.43 13.22
CA GLY B 48 21.74 0.55 14.30
C GLY B 48 20.70 -0.43 14.79
N LYS B 49 19.72 -0.75 13.94
CA LYS B 49 18.68 -1.69 14.30
C LYS B 49 18.83 -3.00 13.53
N GLU B 50 18.04 -4.01 13.93
CA GLU B 50 18.18 -5.36 13.40
C GLU B 50 17.49 -5.57 12.06
N ALA B 51 16.35 -4.91 11.84
CA ALA B 51 15.55 -5.18 10.66
C ALA B 51 14.69 -3.99 10.23
N ALA B 52 14.22 -4.03 8.99
CA ALA B 52 13.37 -2.99 8.45
C ALA B 52 12.49 -3.53 7.32
N ILE B 53 11.35 -2.88 7.07
CA ILE B 53 10.50 -3.24 5.95
C ILE B 53 10.02 -2.04 5.15
N PHE B 54 9.79 -2.26 3.86
CA PHE B 54 9.29 -1.23 2.97
C PHE B 54 7.76 -1.22 2.97
N LEU B 55 7.18 -0.02 3.01
CA LEU B 55 5.73 0.13 2.98
C LEU B 55 5.33 1.19 1.96
N PRO B 56 4.09 1.11 1.44
CA PRO B 56 3.64 2.07 0.42
C PRO B 56 3.56 3.50 0.93
N THR B 57 3.15 3.68 2.19
CA THR B 57 2.97 5.01 2.76
C THR B 57 3.46 5.09 4.19
N GLY B 58 3.66 6.31 4.66
CA GLY B 58 4.00 6.55 6.05
C GLY B 58 2.84 6.24 6.96
N THR B 59 1.63 6.40 6.43
CA THR B 59 0.41 6.10 7.17
C THR B 59 0.34 4.63 7.55
N GLN B 60 0.65 3.76 6.60
CA GLN B 60 0.63 2.32 6.86
C GLN B 60 1.81 1.93 7.74
N ALA B 61 2.93 2.62 7.55
CA ALA B 61 4.12 2.40 8.36
C ALA B 61 3.80 2.59 9.84
N ASN B 62 3.00 3.60 10.15
CA ASN B 62 2.61 3.86 11.53
C ASN B 62 1.49 2.93 11.99
N LEU B 63 0.56 2.64 11.09
CA LEU B 63 -0.54 1.73 11.40
C LEU B 63 0.00 0.35 11.73
N VAL B 64 0.91 -0.14 10.90
CA VAL B 64 1.55 -1.42 11.11
C VAL B 64 2.41 -1.37 12.37
N ALA B 65 3.05 -0.23 12.60
CA ALA B 65 3.90 -0.06 13.78
C ALA B 65 3.09 -0.12 15.08
N LEU B 66 1.93 0.52 15.07
CA LEU B 66 1.06 0.53 16.25
C LEU B 66 0.47 -0.85 16.49
N LEU B 67 0.10 -1.54 15.42
CA LEU B 67 -0.42 -2.89 15.50
C LEU B 67 0.62 -3.87 16.05
N SER B 68 1.86 -3.66 15.66
CA SER B 68 2.94 -4.55 16.06
C SER B 68 3.34 -4.35 17.52
N HIS B 69 3.13 -3.13 18.01
CA HIS B 69 3.43 -2.82 19.40
C HIS B 69 2.26 -3.11 20.34
N CYS B 70 1.06 -2.72 19.93
CA CYS B 70 -0.08 -2.74 20.84
C CYS B 70 -1.11 -3.82 20.48
N GLU B 71 -1.43 -4.65 21.45
CA GLU B 71 -2.47 -5.67 21.28
C GLU B 71 -3.86 -5.07 21.41
N ARG B 72 -4.88 -5.88 21.15
CA ARG B 72 -6.26 -5.49 21.37
C ARG B 72 -6.47 -5.10 22.83
N GLY B 73 -6.89 -3.85 23.06
CA GLY B 73 -7.15 -3.41 24.40
C GLY B 73 -6.00 -2.63 25.02
N GLU B 74 -4.87 -2.62 24.33
CA GLU B 74 -3.72 -1.87 24.81
C GLU B 74 -3.78 -0.45 24.31
N GLU B 75 -2.95 0.42 24.89
CA GLU B 75 -3.08 1.85 24.68
C GLU B 75 -1.75 2.51 24.35
N TYR B 76 -1.78 3.48 23.43
CA TYR B 76 -0.57 4.25 23.14
C TYR B 76 -0.76 5.74 23.45
N ILE B 77 0.19 6.29 24.19
CA ILE B 77 0.18 7.71 24.52
C ILE B 77 0.83 8.50 23.39
N VAL B 78 0.19 9.59 23.00
CA VAL B 78 0.50 10.23 21.72
C VAL B 78 0.12 11.71 21.80
N GLY B 79 0.63 12.52 20.87
CA GLY B 79 0.28 13.92 20.83
C GLY B 79 -1.06 14.15 20.18
N GLN B 80 -1.81 15.13 20.70
CA GLN B 80 -3.10 15.53 20.12
C GLN B 80 -2.98 15.92 18.65
N ALA B 81 -1.83 16.48 18.27
CA ALA B 81 -1.61 16.93 16.90
C ALA B 81 -0.67 15.99 16.15
N ALA B 82 -0.38 14.84 16.73
CA ALA B 82 0.50 13.87 16.11
C ALA B 82 -0.21 13.18 14.94
N HIS B 83 0.57 12.77 13.94
CA HIS B 83 0.00 12.21 12.72
C HIS B 83 -0.73 10.87 12.94
N ASN B 84 -0.10 9.94 13.65
CA ASN B 84 -0.69 8.62 13.82
C ASN B 84 -1.81 8.59 14.86
N TYR B 85 -2.27 9.76 15.29
CA TYR B 85 -3.51 9.87 16.02
C TYR B 85 -4.53 10.72 15.27
N LEU B 86 -4.07 11.85 14.73
CA LEU B 86 -4.95 12.86 14.17
C LEU B 86 -5.14 12.74 12.66
N PHE B 87 -4.06 12.44 11.94
CA PHE B 87 -4.07 12.54 10.49
C PHE B 87 -4.09 11.20 9.77
N GLU B 88 -4.44 10.14 10.49
CA GLU B 88 -4.55 8.83 9.86
C GLU B 88 -5.93 8.21 10.11
N ALA B 89 -6.94 9.08 10.17
CA ALA B 89 -8.34 8.68 10.26
C ALA B 89 -8.66 7.79 11.47
N GLY B 90 -7.80 7.81 12.48
CA GLY B 90 -8.04 7.01 13.67
C GLY B 90 -7.87 5.53 13.41
N GLY B 91 -6.99 5.20 12.47
CA GLY B 91 -6.75 3.82 12.07
C GLY B 91 -6.42 2.88 13.22
N ALA B 92 -5.62 3.36 14.17
CA ALA B 92 -5.22 2.55 15.32
C ALA B 92 -6.41 2.10 16.15
N ALA B 93 -7.40 2.99 16.29
CA ALA B 93 -8.62 2.68 17.02
C ALA B 93 -9.61 1.90 16.15
N VAL B 94 -9.84 2.39 14.94
CA VAL B 94 -10.86 1.84 14.06
C VAL B 94 -10.52 0.46 13.53
N LEU B 95 -9.30 0.30 13.04
CA LEU B 95 -8.88 -0.98 12.47
C LEU B 95 -8.15 -1.86 13.47
N GLY B 96 -7.39 -1.22 14.36
CA GLY B 96 -6.47 -1.94 15.22
C GLY B 96 -6.94 -2.26 16.62
N SER B 97 -8.09 -1.73 17.01
CA SER B 97 -8.66 -1.94 18.34
C SER B 97 -7.69 -1.48 19.43
N ILE B 98 -7.05 -0.34 19.17
CA ILE B 98 -6.08 0.22 20.10
C ILE B 98 -6.59 1.54 20.69
N GLN B 99 -6.59 1.63 22.01
CA GLN B 99 -6.96 2.87 22.68
C GLN B 99 -5.93 3.96 22.47
N PRO B 100 -6.35 5.09 21.89
CA PRO B 100 -5.44 6.23 21.84
C PRO B 100 -5.56 7.08 23.10
N GLN B 101 -4.42 7.51 23.62
CA GLN B 101 -4.39 8.43 24.75
C GLN B 101 -3.61 9.67 24.33
N PRO B 102 -4.30 10.62 23.69
CA PRO B 102 -3.65 11.84 23.22
C PRO B 102 -3.46 12.87 24.33
N ILE B 103 -2.35 13.61 24.26
CA ILE B 103 -2.11 14.72 25.17
C ILE B 103 -1.51 15.88 24.39
N ASP B 104 -1.68 17.09 24.89
CA ASP B 104 -1.11 18.26 24.24
C ASP B 104 0.41 18.21 24.31
N ALA B 105 1.05 18.42 23.16
CA ALA B 105 2.50 18.52 23.12
C ALA B 105 2.95 19.88 23.63
N ALA B 106 4.17 19.96 24.14
CA ALA B 106 4.75 21.23 24.52
C ALA B 106 5.07 22.05 23.27
N ALA B 107 5.39 23.32 23.47
CA ALA B 107 5.70 24.24 22.36
C ALA B 107 6.82 23.72 21.47
N ASP B 108 7.78 23.00 22.06
CA ASP B 108 8.92 22.48 21.33
C ASP B 108 8.60 21.17 20.60
N GLY B 109 7.34 20.75 20.67
CA GLY B 109 6.89 19.56 19.97
C GLY B 109 7.02 18.32 20.82
N THR B 110 7.50 18.52 22.05
CA THR B 110 7.72 17.42 22.98
C THR B 110 6.46 17.11 23.79
N LEU B 111 6.22 15.83 24.06
CA LEU B 111 5.20 15.43 25.02
C LEU B 111 5.82 15.35 26.41
N PRO B 112 5.45 16.29 27.29
CA PRO B 112 6.01 16.40 28.65
C PRO B 112 5.86 15.11 29.44
N LEU B 113 6.97 14.60 29.97
CA LEU B 113 6.98 13.28 30.60
C LEU B 113 6.17 13.26 31.90
N ASP B 114 6.00 14.42 32.52
CA ASP B 114 5.20 14.52 33.73
C ASP B 114 3.72 14.30 33.40
N LYS B 115 3.32 14.71 32.20
CA LYS B 115 1.96 14.50 31.74
C LYS B 115 1.76 13.08 31.25
N VAL B 116 2.80 12.52 30.63
CA VAL B 116 2.79 11.13 30.20
C VAL B 116 2.60 10.18 31.38
N ALA B 117 3.34 10.43 32.45
CA ALA B 117 3.26 9.60 33.65
C ALA B 117 1.87 9.62 34.28
N MET B 118 1.20 10.76 34.20
CA MET B 118 -0.16 10.87 34.73
C MET B 118 -1.16 10.13 33.86
N LYS B 119 -0.74 9.78 32.64
CA LYS B 119 -1.62 9.08 31.70
C LYS B 119 -1.35 7.58 31.66
N ILE B 120 -0.30 7.13 32.36
CA ILE B 120 -0.02 5.71 32.44
C ILE B 120 -1.05 5.06 33.36
N LYS B 121 -1.86 4.18 32.78
CA LYS B 121 -2.97 3.58 33.51
C LYS B 121 -2.50 2.49 34.46
N PRO B 122 -3.07 2.47 35.68
CA PRO B 122 -2.83 1.39 36.64
C PRO B 122 -3.32 0.06 36.09
N ASP B 123 -2.79 -1.04 36.60
CA ASP B 123 -3.27 -2.36 36.18
C ASP B 123 -4.61 -2.64 36.83
N ASP B 124 -5.67 -2.06 36.25
CA ASP B 124 -7.02 -2.23 36.76
C ASP B 124 -7.96 -2.43 35.60
N ILE B 125 -9.01 -3.22 35.82
CA ILE B 125 -9.92 -3.63 34.74
C ILE B 125 -10.73 -2.47 34.17
N HIS B 126 -10.69 -1.32 34.83
CA HIS B 126 -11.41 -0.15 34.36
C HIS B 126 -10.66 0.56 33.24
N PHE B 127 -9.35 0.33 33.17
CA PHE B 127 -8.51 1.09 32.25
C PHE B 127 -8.02 0.24 31.09
N ALA B 128 -7.70 0.91 29.98
CA ALA B 128 -6.93 0.30 28.91
C ALA B 128 -5.51 0.05 29.40
N ARG B 129 -4.76 -0.76 28.65
CA ARG B 129 -3.40 -1.12 29.07
C ARG B 129 -2.35 -0.30 28.35
N THR B 130 -1.81 0.70 29.04
CA THR B 130 -0.75 1.53 28.50
C THR B 130 0.45 0.66 28.10
N LYS B 131 0.86 0.78 26.85
CA LYS B 131 1.89 -0.10 26.30
C LYS B 131 2.95 0.68 25.54
N LEU B 132 2.53 1.76 24.89
CA LEU B 132 3.39 2.46 23.94
C LEU B 132 3.38 3.97 24.10
N LEU B 133 4.56 4.57 23.96
CA LEU B 133 4.68 6.02 23.82
C LEU B 133 5.11 6.33 22.41
N SER B 134 4.33 7.17 21.73
CA SER B 134 4.63 7.52 20.35
C SER B 134 5.08 8.96 20.24
N LEU B 135 6.22 9.16 19.59
CA LEU B 135 6.78 10.50 19.40
C LEU B 135 6.77 10.87 17.92
N GLU B 136 7.02 12.13 17.62
CA GLU B 136 7.05 12.60 16.25
C GLU B 136 8.21 13.57 16.05
N ASN B 137 9.11 13.23 15.12
CA ASN B 137 10.33 13.99 14.92
C ASN B 137 10.79 13.91 13.47
N THR B 138 10.71 15.03 12.75
CA THR B 138 10.23 16.31 13.29
C THR B 138 8.71 16.38 13.42
N HIS B 139 8.25 17.28 14.28
CA HIS B 139 6.82 17.52 14.47
C HIS B 139 6.47 18.93 14.00
N ASN B 140 5.82 19.01 12.85
CA ASN B 140 5.54 20.28 12.19
C ASN B 140 6.82 21.09 11.97
N GLY B 141 7.88 20.39 11.58
CA GLY B 141 9.16 21.03 11.32
C GLY B 141 10.05 21.11 12.53
N LYS B 142 9.44 21.07 13.71
CA LYS B 142 10.18 21.25 14.96
C LYS B 142 11.06 20.06 15.30
N VAL B 143 12.33 20.34 15.54
CA VAL B 143 13.28 19.32 15.93
C VAL B 143 13.25 19.10 17.45
N LEU B 144 12.77 18.03 17.89
CA LEU B 144 12.76 17.67 19.31
C LEU B 144 14.17 17.73 19.88
N PRO B 145 14.37 18.34 20.99
CA PRO B 145 15.67 18.43 21.67
C PRO B 145 16.25 17.06 21.99
N ARG B 146 17.55 16.89 21.75
CA ARG B 146 18.22 15.62 21.95
C ARG B 146 18.11 15.13 23.38
N GLU B 147 18.17 16.06 24.32
CA GLU B 147 18.08 15.73 25.74
C GLU B 147 16.75 15.05 26.09
N TYR B 148 15.68 15.46 25.44
CA TYR B 148 14.37 14.87 25.69
C TYR B 148 14.28 13.45 25.15
N LEU B 149 14.85 13.23 23.97
CA LEU B 149 14.85 11.92 23.34
C LEU B 149 15.48 10.86 24.24
N LYS B 150 16.52 11.27 24.97
CA LYS B 150 17.15 10.39 25.94
C LYS B 150 16.25 10.18 27.15
N GLU B 151 15.72 11.28 27.66
CA GLU B 151 14.85 11.25 28.84
C GLU B 151 13.60 10.41 28.60
N ALA B 152 13.03 10.52 27.40
CA ALA B 152 11.85 9.77 27.04
C ALA B 152 12.19 8.28 26.94
N TRP B 153 13.41 8.01 26.44
CA TRP B 153 13.92 6.64 26.33
C TRP B 153 14.06 5.94 27.68
N GLU B 154 14.73 6.61 28.61
CA GLU B 154 14.91 6.07 29.96
C GLU B 154 13.57 5.88 30.66
N PHE B 155 12.71 6.89 30.53
CA PHE B 155 11.40 6.88 31.16
C PHE B 155 10.57 5.68 30.73
N THR B 156 10.48 5.44 29.43
CA THR B 156 9.72 4.30 28.91
C THR B 156 10.31 2.97 29.35
N ARG B 157 11.63 2.91 29.48
CA ARG B 157 12.30 1.70 29.96
C ARG B 157 11.94 1.42 31.41
N GLU B 158 11.95 2.47 32.22
CA GLU B 158 11.63 2.34 33.64
C GLU B 158 10.16 1.99 33.85
N ARG B 159 9.31 2.42 32.93
CA ARG B 159 7.87 2.19 33.05
C ARG B 159 7.42 0.97 32.25
N ASN B 160 8.39 0.27 31.66
CA ASN B 160 8.13 -0.88 30.80
C ASN B 160 7.19 -0.54 29.64
N LEU B 161 7.42 0.62 29.03
CA LEU B 161 6.67 1.02 27.85
C LEU B 161 7.56 0.96 26.60
N ALA B 162 6.94 0.65 25.47
CA ALA B 162 7.65 0.72 24.20
C ALA B 162 7.72 2.17 23.74
N LEU B 163 8.70 2.49 22.91
CA LEU B 163 8.81 3.85 22.38
C LEU B 163 8.95 3.84 20.88
N HIS B 164 7.96 4.41 20.20
CA HIS B 164 7.99 4.56 18.76
C HIS B 164 8.05 6.04 18.39
N VAL B 165 8.83 6.38 17.37
CA VAL B 165 8.83 7.74 16.86
C VAL B 165 8.44 7.76 15.39
N ASP B 166 7.51 8.65 15.05
CA ASP B 166 7.18 8.91 13.66
C ASP B 166 8.28 9.75 13.05
N GLY B 167 9.16 9.11 12.27
CA GLY B 167 10.29 9.77 11.69
C GLY B 167 10.11 10.05 10.21
N ALA B 168 8.91 10.48 9.84
CA ALA B 168 8.60 10.86 8.47
C ALA B 168 9.59 11.91 7.95
N ARG B 169 10.04 12.77 8.85
CA ARG B 169 11.03 13.78 8.53
C ARG B 169 12.19 13.73 9.53
N ILE B 170 12.61 12.52 9.87
CA ILE B 170 13.66 12.31 10.85
C ILE B 170 15.03 12.72 10.30
N PHE B 171 15.18 12.67 8.98
CA PHE B 171 16.42 13.08 8.36
C PHE B 171 16.54 14.60 8.29
N ASN B 172 15.40 15.28 8.29
CA ASN B 172 15.38 16.73 8.46
C ASN B 172 15.92 17.09 9.84
N ALA B 173 15.56 16.27 10.83
CA ALA B 173 16.05 16.44 12.18
C ALA B 173 17.55 16.12 12.27
N VAL B 174 17.95 15.05 11.58
CA VAL B 174 19.33 14.56 11.64
C VAL B 174 20.35 15.62 11.20
N VAL B 175 20.05 16.32 10.12
CA VAL B 175 20.96 17.34 9.61
C VAL B 175 20.85 18.61 10.45
N ALA B 176 19.72 18.76 11.15
CA ALA B 176 19.55 19.86 12.09
C ALA B 176 20.34 19.59 13.36
N TYR B 177 20.45 18.31 13.71
CA TYR B 177 21.28 17.90 14.83
C TYR B 177 22.76 18.00 14.47
N GLY B 178 23.06 17.69 13.22
CA GLY B 178 24.43 17.64 12.75
C GLY B 178 25.10 16.35 13.17
N CYS B 179 24.28 15.37 13.53
CA CYS B 179 24.79 14.08 13.99
C CYS B 179 24.41 12.97 13.02
N GLU B 180 24.63 11.73 13.43
CA GLU B 180 24.25 10.60 12.60
C GLU B 180 22.86 10.10 13.03
N LEU B 181 22.14 9.48 12.10
CA LEU B 181 20.82 8.92 12.40
C LEU B 181 20.91 7.94 13.56
N LYS B 182 21.97 7.12 13.53
CA LYS B 182 22.27 6.13 14.55
C LYS B 182 22.22 6.70 15.98
N GLU B 183 22.75 7.90 16.15
CA GLU B 183 22.82 8.55 17.46
C GLU B 183 21.46 9.03 17.96
N ILE B 184 20.48 9.07 17.06
CA ILE B 184 19.12 9.46 17.42
C ILE B 184 18.24 8.23 17.63
N THR B 185 18.41 7.24 16.76
CA THR B 185 17.55 6.07 16.75
C THR B 185 17.78 5.14 17.93
N GLN B 186 18.93 5.29 18.59
CA GLN B 186 19.24 4.50 19.77
C GLN B 186 18.21 4.71 20.88
N TYR B 187 17.50 5.83 20.81
CA TYR B 187 16.52 6.20 21.83
C TYR B 187 15.10 5.82 21.44
N CYS B 188 14.95 4.73 20.70
CA CYS B 188 13.63 4.22 20.37
C CYS B 188 13.68 2.71 20.06
N ASP B 189 12.54 2.05 20.24
CA ASP B 189 12.43 0.64 19.91
C ASP B 189 12.16 0.48 18.42
N SER B 190 11.29 1.35 17.90
CA SER B 190 10.96 1.37 16.49
C SER B 190 10.78 2.80 16.01
N PHE B 191 10.96 3.01 14.72
CA PHE B 191 10.72 4.33 14.13
C PHE B 191 10.46 4.20 12.64
N THR B 192 9.94 5.26 12.03
CA THR B 192 9.63 5.24 10.62
C THR B 192 10.54 6.16 9.81
N ILE B 193 10.62 5.91 8.51
CA ILE B 193 11.31 6.78 7.58
C ILE B 193 10.49 6.98 6.33
N CYS B 194 10.00 8.19 6.11
CA CYS B 194 9.30 8.49 4.87
C CYS B 194 10.32 8.83 3.79
N LEU B 195 10.13 8.27 2.60
CA LEU B 195 11.05 8.45 1.50
C LEU B 195 10.44 9.36 0.44
N SER B 196 9.12 9.51 0.50
CA SER B 196 8.39 10.18 -0.56
C SER B 196 8.19 11.67 -0.29
N LYS B 197 8.93 12.20 0.68
CA LYS B 197 8.85 13.63 0.99
C LYS B 197 10.13 14.36 0.62
N GLY B 198 10.79 14.91 1.63
CA GLY B 198 12.04 15.63 1.44
C GLY B 198 13.11 14.84 0.72
N LEU B 199 13.13 13.53 0.93
CA LEU B 199 14.10 12.66 0.27
C LEU B 199 13.74 12.49 -1.21
N GLY B 200 12.48 12.72 -1.54
CA GLY B 200 12.09 12.91 -2.93
C GLY B 200 11.76 11.70 -3.79
N THR B 201 11.33 10.60 -3.17
CA THR B 201 10.90 9.43 -3.95
C THR B 201 9.42 9.56 -4.28
N PRO B 202 8.95 8.83 -5.30
CA PRO B 202 7.52 8.90 -5.61
C PRO B 202 6.66 8.17 -4.59
N VAL B 203 7.17 7.04 -4.09
CA VAL B 203 6.43 6.18 -3.19
C VAL B 203 7.37 5.56 -2.15
N GLY B 204 6.91 5.47 -0.90
CA GLY B 204 7.59 4.61 0.06
C GLY B 204 7.87 5.15 1.43
N SER B 205 7.74 4.27 2.41
CA SER B 205 8.15 4.54 3.78
C SER B 205 8.86 3.32 4.35
N LEU B 206 9.59 3.49 5.45
CA LEU B 206 10.26 2.36 6.09
C LEU B 206 9.88 2.23 7.55
N LEU B 207 9.65 1.00 8.00
CA LEU B 207 9.49 0.72 9.42
C LEU B 207 10.66 -0.14 9.89
N VAL B 208 11.36 0.33 10.91
CA VAL B 208 12.56 -0.36 11.37
C VAL B 208 12.58 -0.51 12.89
N GLY B 209 12.99 -1.69 13.35
CA GLY B 209 13.02 -2.03 14.77
C GLY B 209 13.78 -3.33 14.94
N ASN B 210 13.42 -4.10 15.97
CA ASN B 210 14.10 -5.36 16.20
C ASN B 210 13.54 -6.47 15.31
N ARG B 211 14.23 -7.60 15.26
CA ARG B 211 13.91 -8.68 14.32
C ARG B 211 12.53 -9.27 14.55
N ASP B 212 12.19 -9.57 15.79
CA ASP B 212 10.90 -10.17 16.12
C ASP B 212 9.76 -9.20 15.88
N TYR B 213 10.02 -7.92 16.17
CA TYR B 213 9.03 -6.86 15.97
C TYR B 213 8.67 -6.72 14.49
N ILE B 214 9.69 -6.67 13.65
CA ILE B 214 9.50 -6.53 12.21
C ILE B 214 8.82 -7.75 11.62
N LYS B 215 9.08 -8.92 12.21
CA LYS B 215 8.45 -10.16 11.78
C LYS B 215 6.94 -10.08 11.94
N ARG B 216 6.49 -9.51 13.06
CA ARG B 216 5.08 -9.26 13.29
C ARG B 216 4.57 -8.19 12.34
N ALA B 217 5.42 -7.20 12.07
CA ALA B 217 5.08 -6.10 11.17
C ALA B 217 4.81 -6.59 9.74
N ILE B 218 5.47 -7.68 9.36
CA ILE B 218 5.27 -8.26 8.05
C ILE B 218 3.86 -8.84 7.93
N ARG B 219 3.38 -9.47 9.01
CA ARG B 219 2.01 -9.99 9.05
C ARG B 219 0.97 -8.89 8.94
N TRP B 220 1.17 -7.79 9.66
CA TRP B 220 0.19 -6.70 9.67
C TRP B 220 0.22 -5.92 8.37
N ARG B 221 1.38 -5.83 7.74
CA ARG B 221 1.51 -5.16 6.46
C ARG B 221 0.71 -5.91 5.40
N LYS B 222 0.74 -7.24 5.49
CA LYS B 222 -0.01 -8.09 4.58
C LYS B 222 -1.51 -7.88 4.71
N MET B 223 -1.98 -7.87 5.96
CA MET B 223 -3.40 -7.70 6.25
C MET B 223 -3.89 -6.33 5.81
N THR B 224 -3.04 -5.32 5.96
CA THR B 224 -3.41 -3.96 5.64
C THR B 224 -3.26 -3.66 4.14
N GLY B 225 -2.63 -4.58 3.41
CA GLY B 225 -2.57 -4.46 1.96
C GLY B 225 -1.31 -3.82 1.43
N GLY B 226 -0.21 -3.95 2.17
CA GLY B 226 1.06 -3.37 1.75
C GLY B 226 2.06 -4.38 1.21
N GLY B 227 1.63 -5.63 1.06
CA GLY B 227 2.50 -6.66 0.53
C GLY B 227 2.61 -6.61 -0.97
N MET B 228 3.52 -5.79 -1.48
CA MET B 228 3.69 -5.59 -2.91
C MET B 228 4.55 -6.71 -3.51
N ARG B 229 4.61 -6.75 -4.83
CA ARG B 229 5.35 -7.79 -5.52
C ARG B 229 6.75 -7.28 -5.90
N GLN B 230 6.86 -6.68 -7.08
CA GLN B 230 8.14 -6.18 -7.58
C GLN B 230 8.37 -4.72 -7.16
N SER B 231 8.34 -4.48 -5.85
CA SER B 231 8.46 -3.13 -5.32
C SER B 231 9.90 -2.61 -5.31
N GLY B 232 10.82 -3.40 -5.86
CA GLY B 232 12.22 -3.00 -5.97
C GLY B 232 12.43 -1.74 -6.78
N ILE B 233 11.56 -1.49 -7.76
CA ILE B 233 11.63 -0.28 -8.56
C ILE B 233 11.40 0.96 -7.70
N LEU B 234 10.54 0.82 -6.69
CA LEU B 234 10.29 1.90 -5.74
C LEU B 234 11.41 1.97 -4.71
N ALA B 235 11.87 0.81 -4.25
CA ALA B 235 12.95 0.74 -3.28
C ALA B 235 14.25 1.32 -3.84
N ALA B 236 14.41 1.23 -5.16
CA ALA B 236 15.58 1.77 -5.83
C ALA B 236 15.68 3.28 -5.63
N ALA B 237 14.54 3.94 -5.70
CA ALA B 237 14.48 5.38 -5.47
C ALA B 237 14.85 5.70 -4.04
N GLY B 238 14.45 4.82 -3.12
CA GLY B 238 14.78 4.98 -1.71
C GLY B 238 16.26 4.90 -1.45
N ILE B 239 16.92 3.91 -2.05
CA ILE B 239 18.35 3.73 -1.92
C ILE B 239 19.11 4.96 -2.44
N TYR B 240 18.65 5.46 -3.59
CA TYR B 240 19.25 6.65 -4.18
C TYR B 240 19.13 7.87 -3.26
N ALA B 241 17.95 8.01 -2.65
CA ALA B 241 17.67 9.18 -1.82
C ALA B 241 18.49 9.17 -0.54
N LEU B 242 18.61 8.01 0.08
CA LEU B 242 19.42 7.86 1.29
C LEU B 242 20.89 8.19 1.04
N LYS B 243 21.35 7.95 -0.19
CA LYS B 243 22.76 8.12 -0.51
C LYS B 243 23.09 9.46 -1.17
N ASN B 244 22.06 10.21 -1.56
CA ASN B 244 22.28 11.44 -2.32
C ASN B 244 21.48 12.66 -1.86
N ASN B 245 20.37 12.43 -1.16
CA ASN B 245 19.42 13.50 -0.89
C ASN B 245 19.28 13.90 0.58
N VAL B 246 20.13 13.36 1.43
CA VAL B 246 20.04 13.66 2.87
C VAL B 246 20.71 14.99 3.21
N ALA B 247 21.95 15.15 2.75
CA ALA B 247 22.73 16.35 3.05
C ALA B 247 22.08 17.63 2.52
N ARG B 248 21.47 17.52 1.34
CA ARG B 248 20.90 18.70 0.67
C ARG B 248 19.61 19.19 1.32
N LEU B 249 19.13 18.47 2.32
CA LEU B 249 17.96 18.91 3.09
C LEU B 249 18.25 20.23 3.78
N GLN B 250 19.52 20.50 4.03
CA GLN B 250 19.98 21.77 4.60
C GLN B 250 19.54 22.95 3.74
N GLU B 251 19.55 22.76 2.43
CA GLU B 251 19.10 23.80 1.50
C GLU B 251 17.64 24.15 1.73
N ASP B 252 16.80 23.13 1.96
CA ASP B 252 15.39 23.34 2.23
C ASP B 252 15.19 24.12 3.53
N HIS B 253 16.04 23.85 4.51
CA HIS B 253 15.97 24.54 5.79
C HIS B 253 16.37 26.00 5.65
N ASP B 254 17.46 26.24 4.92
CA ASP B 254 17.93 27.60 4.69
C ASP B 254 16.91 28.41 3.87
N ASN B 255 16.29 27.75 2.90
CA ASN B 255 15.28 28.38 2.06
C ASN B 255 14.05 28.79 2.87
N ALA B 256 13.57 27.88 3.70
CA ALA B 256 12.43 28.15 4.58
C ALA B 256 12.75 29.31 5.53
N ALA B 257 13.96 29.31 6.07
CA ALA B 257 14.41 30.38 6.94
C ALA B 257 14.51 31.70 6.18
N TRP B 258 15.00 31.61 4.96
CA TRP B 258 15.09 32.77 4.07
C TRP B 258 13.71 33.29 3.73
N MET B 259 12.79 32.38 3.45
CA MET B 259 11.42 32.73 3.08
C MET B 259 10.69 33.40 4.23
N ALA B 260 10.94 32.92 5.44
CA ALA B 260 10.35 33.52 6.64
C ALA B 260 10.77 34.97 6.77
N GLU B 261 12.05 35.24 6.49
CA GLU B 261 12.59 36.59 6.51
C GLU B 261 11.89 37.49 5.49
N GLN B 262 11.70 36.97 4.27
CA GLN B 262 11.12 37.75 3.19
C GLN B 262 9.66 38.10 3.45
N LEU B 263 8.91 37.16 4.02
CA LEU B 263 7.50 37.40 4.32
C LEU B 263 7.35 38.29 5.54
N ARG B 264 8.31 38.19 6.46
CA ARG B 264 8.34 39.07 7.62
C ARG B 264 8.57 40.51 7.16
N GLU B 265 9.46 40.68 6.19
CA GLU B 265 9.76 42.00 5.65
C GLU B 265 8.58 42.52 4.83
N ALA B 266 7.81 41.61 4.24
CA ALA B 266 6.69 41.98 3.40
C ALA B 266 5.45 42.31 4.22
N GLY B 267 5.53 42.11 5.53
CA GLY B 267 4.44 42.47 6.42
C GLY B 267 3.52 41.31 6.76
N ALA B 268 4.00 40.08 6.59
CA ALA B 268 3.20 38.92 6.93
C ALA B 268 3.53 38.45 8.34
N ASP B 269 2.52 37.92 9.04
CA ASP B 269 2.72 37.46 10.40
C ASP B 269 3.26 36.04 10.41
N VAL B 270 4.57 35.91 10.26
CA VAL B 270 5.23 34.61 10.34
C VAL B 270 5.30 34.16 11.79
N MET B 271 4.62 33.06 12.09
CA MET B 271 4.50 32.59 13.46
C MET B 271 5.79 31.93 13.92
N ARG B 272 6.33 31.04 13.09
CA ARG B 272 7.58 30.37 13.39
C ARG B 272 8.13 29.66 12.15
N GLN B 273 9.44 29.43 12.15
CA GLN B 273 10.07 28.63 11.11
C GLN B 273 10.92 27.53 11.72
N ASP B 274 10.73 26.30 11.24
CA ASP B 274 11.48 25.17 11.74
C ASP B 274 11.83 24.22 10.61
N THR B 275 13.12 23.92 10.46
CA THR B 275 13.64 23.15 9.33
C THR B 275 13.08 23.65 8.00
N ASN B 276 12.34 22.79 7.31
CA ASN B 276 11.81 23.14 6.00
C ASN B 276 10.34 23.57 6.06
N MET B 277 9.90 24.03 7.23
CA MET B 277 8.54 24.51 7.39
C MET B 277 8.48 25.92 7.96
N LEU B 278 7.40 26.63 7.62
CA LEU B 278 7.16 27.97 8.15
C LEU B 278 5.66 28.22 8.16
N PHE B 279 5.17 28.82 9.23
CA PHE B 279 3.73 29.02 9.41
C PHE B 279 3.37 30.49 9.45
N VAL B 280 2.50 30.91 8.53
CA VAL B 280 2.10 32.30 8.43
C VAL B 280 0.65 32.49 8.86
N ARG B 281 0.43 33.47 9.73
CA ARG B 281 -0.92 33.79 10.17
C ARG B 281 -1.57 34.78 9.21
N VAL B 282 -2.23 34.27 8.19
CA VAL B 282 -2.97 35.12 7.26
C VAL B 282 -4.37 35.30 7.82
N GLY B 283 -5.04 36.35 7.41
CA GLY B 283 -6.41 36.56 7.89
C GLY B 283 -7.34 35.43 7.50
N GLU B 284 -8.27 35.10 8.40
CA GLU B 284 -9.36 34.21 8.07
C GLU B 284 -10.17 34.86 6.97
N GLU B 285 -10.20 36.18 7.02
CA GLU B 285 -10.78 37.02 5.98
C GLU B 285 -9.97 36.92 4.68
N ASN B 286 -8.65 36.80 4.83
CA ASN B 286 -7.74 36.80 3.69
C ASN B 286 -7.34 35.42 3.18
N ALA B 287 -7.72 34.37 3.92
CA ALA B 287 -7.26 33.01 3.63
C ALA B 287 -7.64 32.52 2.23
N ALA B 288 -8.93 32.51 1.94
CA ALA B 288 -9.41 32.05 0.63
C ALA B 288 -8.90 32.93 -0.50
N ALA B 289 -8.81 34.23 -0.24
CA ALA B 289 -8.38 35.17 -1.27
C ALA B 289 -6.91 35.00 -1.62
N LEU B 290 -6.09 34.71 -0.60
CA LEU B 290 -4.67 34.48 -0.80
C LEU B 290 -4.41 33.24 -1.65
N GLY B 291 -5.12 32.16 -1.33
CA GLY B 291 -5.04 30.93 -2.09
C GLY B 291 -5.34 31.14 -3.56
N GLU B 292 -6.45 31.82 -3.83
CA GLU B 292 -6.86 32.11 -5.21
C GLU B 292 -5.89 33.05 -5.89
N TYR B 293 -5.38 34.02 -5.14
CA TYR B 293 -4.41 34.98 -5.66
C TYR B 293 -3.14 34.30 -6.12
N MET B 294 -2.62 33.38 -5.30
CA MET B 294 -1.39 32.66 -5.62
C MET B 294 -1.61 31.67 -6.75
N LYS B 295 -2.76 31.03 -6.75
CA LYS B 295 -3.12 30.05 -7.78
C LYS B 295 -3.14 30.67 -9.17
N ALA B 296 -3.55 31.93 -9.24
CA ALA B 296 -3.63 32.64 -10.51
C ALA B 296 -2.25 32.89 -11.12
N ARG B 297 -1.24 32.99 -10.26
CA ARG B 297 0.14 33.15 -10.71
C ARG B 297 0.90 31.82 -10.63
N ASN B 298 0.17 30.73 -10.75
CA ASN B 298 0.73 29.38 -10.76
C ASN B 298 1.54 29.06 -9.50
N VAL B 299 1.09 29.56 -8.37
CA VAL B 299 1.67 29.21 -7.08
C VAL B 299 0.64 28.45 -6.24
N LEU B 300 1.02 27.26 -5.77
CA LEU B 300 0.10 26.42 -5.02
C LEU B 300 0.38 26.43 -3.53
N ILE B 301 -0.60 26.87 -2.75
CA ILE B 301 -0.55 26.77 -1.30
C ILE B 301 -1.82 26.12 -0.77
N ASN B 302 -1.75 25.59 0.45
CA ASN B 302 -2.95 25.16 1.15
C ASN B 302 -3.57 26.34 1.89
N ALA B 303 -4.56 26.97 1.27
CA ALA B 303 -5.20 28.16 1.83
C ALA B 303 -5.86 27.86 3.17
N SER B 304 -5.53 28.68 4.17
CA SER B 304 -5.96 28.44 5.54
C SER B 304 -5.68 29.69 6.38
N PRO B 305 -6.43 29.87 7.48
CA PRO B 305 -6.15 30.99 8.38
C PRO B 305 -4.71 30.95 8.88
N ILE B 306 -4.20 29.74 9.12
CA ILE B 306 -2.76 29.57 9.30
C ILE B 306 -2.23 28.74 8.15
N VAL B 307 -1.39 29.36 7.32
CA VAL B 307 -0.87 28.68 6.13
C VAL B 307 0.48 28.03 6.45
N ARG B 308 0.59 26.75 6.13
CA ARG B 308 1.86 26.05 6.26
C ARG B 308 2.60 26.04 4.93
N LEU B 309 3.79 26.63 4.92
CA LEU B 309 4.65 26.61 3.76
C LEU B 309 5.74 25.57 3.94
N VAL B 310 5.89 24.68 2.97
CA VAL B 310 6.88 23.62 3.04
C VAL B 310 7.82 23.66 1.84
N THR B 311 9.12 23.73 2.13
CA THR B 311 10.13 23.74 1.07
C THR B 311 10.64 22.32 0.79
N HIS B 312 11.21 22.16 -0.41
CA HIS B 312 11.65 20.86 -0.90
C HIS B 312 12.54 21.04 -2.11
N LEU B 313 13.07 19.94 -2.64
CA LEU B 313 14.06 20.02 -3.72
C LEU B 313 13.47 20.54 -5.02
N ASP B 314 12.14 20.58 -5.12
CA ASP B 314 11.50 21.07 -6.33
C ASP B 314 11.05 22.52 -6.19
N VAL B 315 11.56 23.23 -5.18
CA VAL B 315 11.34 24.67 -5.08
C VAL B 315 12.62 25.41 -4.68
N SER B 316 13.07 26.29 -5.56
CA SER B 316 14.29 27.05 -5.37
C SER B 316 14.01 28.38 -4.67
N ARG B 317 15.08 29.10 -4.36
CA ARG B 317 14.96 30.42 -3.76
C ARG B 317 14.49 31.44 -4.78
N GLU B 318 14.87 31.22 -6.04
CA GLU B 318 14.39 32.05 -7.14
C GLU B 318 12.86 31.98 -7.22
N GLN B 319 12.33 30.77 -7.02
CA GLN B 319 10.88 30.57 -7.02
C GLN B 319 10.26 31.12 -5.75
N LEU B 320 10.96 30.94 -4.63
CA LEU B 320 10.54 31.50 -3.35
C LEU B 320 10.44 33.02 -3.43
N ALA B 321 11.41 33.63 -4.10
CA ALA B 321 11.43 35.08 -4.26
C ALA B 321 10.21 35.57 -5.03
N GLU B 322 9.81 34.80 -6.03
CA GLU B 322 8.61 35.10 -6.81
C GLU B 322 7.37 35.07 -5.94
N VAL B 323 7.24 34.03 -5.12
CA VAL B 323 6.12 33.89 -4.20
C VAL B 323 6.09 35.02 -3.17
N ALA B 324 7.27 35.33 -2.62
CA ALA B 324 7.39 36.39 -1.63
C ALA B 324 6.98 37.75 -2.19
N ALA B 325 7.24 37.95 -3.48
CA ALA B 325 6.86 39.19 -4.16
C ALA B 325 5.35 39.24 -4.36
N HIS B 326 4.76 38.11 -4.69
CA HIS B 326 3.31 38.01 -4.84
C HIS B 326 2.62 38.26 -3.50
N TRP B 327 3.20 37.67 -2.45
CA TRP B 327 2.68 37.85 -1.10
C TRP B 327 2.75 39.31 -0.68
N ARG B 328 3.86 39.94 -1.01
CA ARG B 328 4.08 41.36 -0.71
C ARG B 328 3.07 42.25 -1.42
N ALA B 329 2.83 41.95 -2.69
CA ALA B 329 1.85 42.67 -3.48
C ALA B 329 0.44 42.45 -2.95
N PHE B 330 0.19 41.25 -2.44
CA PHE B 330 -1.12 40.90 -1.90
C PHE B 330 -1.45 41.75 -0.67
N LEU B 331 -0.43 42.08 0.10
CA LEU B 331 -0.60 42.86 1.33
C LEU B 331 -0.46 44.36 1.04
N1 PLG C . -7.26 -12.17 -5.29
C2 PLG C . -6.83 -13.27 -5.94
C2A PLG C . -7.82 -14.12 -6.69
C3 PLG C . -5.40 -13.65 -5.91
O3 PLG C . -4.95 -14.76 -6.57
C4 PLG C . -4.48 -12.77 -5.17
C4A PLG C . -3.00 -13.09 -5.09
C5 PLG C . -5.07 -11.59 -4.50
C6 PLG C . -6.43 -11.36 -4.61
C5A PLG C . -4.21 -10.63 -3.70
OP4 PLG C . -3.34 -9.87 -4.53
P PLG C . -1.97 -9.31 -3.88
OP1 PLG C . -1.37 -8.46 -4.97
OP2 PLG C . -2.44 -8.51 -2.68
OP3 PLG C . -1.21 -10.55 -3.53
C PLG C . -1.29 -15.78 -5.68
O PLG C . -0.11 -15.90 -6.08
OXT PLG C . -2.27 -16.24 -6.31
CA PLG C . -1.55 -15.05 -4.38
N PLG C . -2.81 -14.35 -4.39
N1 PLG D . 3.87 11.24 9.53
C2 PLG D . 4.09 12.57 9.36
C2A PLG D . 4.83 13.34 10.41
C3 PLG D . 3.59 13.25 8.14
O3 PLG D . 3.78 14.57 7.94
C4 PLG D . 2.86 12.42 7.14
C4A PLG D . 2.32 13.04 5.87
C5 PLG D . 2.70 10.98 7.46
C6 PLG D . 3.22 10.47 8.65
C5A PLG D . 1.97 10.05 6.51
OP4 PLG D . 2.68 9.92 5.29
P PLG D . 1.88 9.43 3.97
OP1 PLG D . 1.19 10.69 3.49
OP2 PLG D . 2.97 8.92 3.06
OP3 PLG D . 0.94 8.37 4.49
C PLG D . 1.85 16.13 4.93
O PLG D . 1.78 16.73 3.84
OXT PLG D . 2.69 16.41 5.81
CA PLG D . 0.86 15.01 5.20
N PLG D . 1.35 14.08 6.20
#